data_4JEZ
#
_entry.id   4JEZ
#
_cell.length_a   96.600
_cell.length_b   112.030
_cell.length_c   65.110
_cell.angle_alpha   90.00
_cell.angle_beta   90.00
_cell.angle_gamma   90.00
#
_symmetry.space_group_name_H-M   'P 21 21 2'
#
loop_
_entity.id
_entity.type
_entity.pdbx_description
1 polymer 'Acetylornithine/succinyldiaminopimelate aminotransferase'
2 non-polymer 1,2-ETHANEDIOL
3 non-polymer 'ACETATE ION'
4 non-polymer 'SODIUM ION'
5 non-polymer '(2S)-2-azanyl-4-[(E)-[2-methyl-3-oxidanyl-5-(phosphonooxymethyl)pyridin-4-yl]methylideneamino]oxy-butanoic acid'
6 water water
#
_entity_poly.entity_id   1
_entity_poly.type   'polypeptide(L)'
_entity_poly.pdbx_seq_one_letter_code
;MRGSHHHHHHGMASHMATEQTAITRATFDEVILPVYAPADFIPVKGKGSRVWDQQGKEYIDFAGGIAVTALGHCHPALVE
ALKSQGETLWHTSRVFTNEPALRLGRKLIDATFAERVLFMNSGTEANETAFKLARHYACVRHSPFKTKIIAFHNAFHGRS
LFTVSVGGQPKYSDGFGPKPADIIHVPFNDLHAVKAVMDDHTCAVVVEPIQGEGGVQAATPEFLKGLRDLCDEHQALLVF
DEVQCGMGRTGDLFAYMHYGVTPDILTSAKALGGGFPVSAMLTTQEIASAFHVGSHGSTYGGNPLACAVAGATFDIINTP
EVLQGIHTKRQQFVQHLQAIDEQFDIFSDIRGMGLLIGAELKPKYKGRARDFLYAGAEAGVMVLNAGADVMRFAPSLVVE
EADIHEGMQRFAQAVGKVVALE
;
_entity_poly.pdbx_strand_id   A,B
#
# COMPACT_ATOMS: atom_id res chain seq x y z
N ALA A 39 6.07 -13.44 -17.61
CA ALA A 39 7.40 -13.57 -18.26
C ALA A 39 7.97 -14.99 -18.11
N ASP A 40 8.94 -15.34 -18.96
CA ASP A 40 9.43 -16.72 -19.06
C ASP A 40 10.65 -17.05 -18.17
N PHE A 41 11.01 -16.15 -17.27
CA PHE A 41 12.11 -16.43 -16.31
C PHE A 41 11.81 -15.86 -14.93
N ILE A 42 12.49 -16.37 -13.91
CA ILE A 42 12.31 -15.90 -12.54
C ILE A 42 13.62 -15.28 -12.04
N PRO A 43 13.63 -13.95 -11.83
CA PRO A 43 14.83 -13.30 -11.29
C PRO A 43 15.07 -13.81 -9.89
N VAL A 44 16.33 -14.14 -9.57
CA VAL A 44 16.70 -14.55 -8.21
C VAL A 44 17.66 -13.60 -7.52
N LYS A 45 18.43 -12.84 -8.30
CA LYS A 45 19.47 -11.99 -7.71
C LYS A 45 19.68 -10.83 -8.62
N GLY A 46 19.95 -9.67 -8.03
CA GLY A 46 20.32 -8.49 -8.81
C GLY A 46 21.44 -7.74 -8.15
N LYS A 47 22.30 -7.13 -8.96
CA LYS A 47 23.33 -6.25 -8.48
C LYS A 47 23.50 -5.14 -9.51
N GLY A 48 23.22 -3.92 -9.10
CA GLY A 48 23.26 -2.80 -10.03
C GLY A 48 22.21 -3.01 -11.10
N SER A 49 22.65 -3.00 -12.35
CA SER A 49 21.74 -3.16 -13.47
C SER A 49 21.86 -4.53 -14.12
N ARG A 50 22.45 -5.49 -13.39
CA ARG A 50 22.49 -6.88 -13.86
C ARG A 50 21.62 -7.74 -12.96
N VAL A 51 20.92 -8.68 -13.58
CA VAL A 51 19.98 -9.59 -12.90
C VAL A 51 20.24 -11.02 -13.35
N TRP A 52 20.17 -11.96 -12.42
CA TRP A 52 20.34 -13.38 -12.75
C TRP A 52 19.07 -14.12 -12.49
N ASP A 53 18.76 -15.05 -13.37
CA ASP A 53 17.59 -15.93 -13.19
C ASP A 53 17.97 -17.27 -12.51
N GLN A 54 17.01 -18.18 -12.43
CA GLN A 54 17.24 -19.46 -11.75
C GLN A 54 18.29 -20.33 -12.41
N GLN A 55 18.54 -20.10 -13.69
CA GLN A 55 19.59 -20.82 -14.40
C GLN A 55 20.92 -20.10 -14.42
N GLY A 56 21.02 -18.97 -13.72
CA GLY A 56 22.24 -18.17 -13.72
C GLY A 56 22.45 -17.38 -15.01
N LYS A 57 21.43 -17.30 -15.85
CA LYS A 57 21.47 -16.41 -17.04
C LYS A 57 21.52 -14.96 -16.57
N GLU A 58 22.41 -14.19 -17.19
CA GLU A 58 22.64 -12.79 -16.82
C GLU A 58 21.92 -11.82 -17.75
N TYR A 59 21.11 -10.94 -17.16
CA TYR A 59 20.33 -9.96 -17.92
C TYR A 59 20.79 -8.56 -17.59
N ILE A 60 20.65 -7.66 -18.56
CA ILE A 60 20.79 -6.25 -18.31
C ILE A 60 19.39 -5.68 -18.09
N ASP A 61 19.25 -4.92 -17.01
CA ASP A 61 17.95 -4.40 -16.59
C ASP A 61 17.75 -2.95 -17.02
N PHE A 62 16.96 -2.75 -18.08
CA PHE A 62 16.59 -1.40 -18.51
C PHE A 62 15.16 -1.08 -18.14
N ALA A 63 14.57 -1.92 -17.29
CA ALA A 63 13.16 -1.80 -16.91
C ALA A 63 12.99 -1.27 -15.49
N GLY A 64 13.94 -1.60 -14.61
CA GLY A 64 13.88 -1.16 -13.20
C GLY A 64 12.64 -1.60 -12.45
N GLY A 65 12.05 -2.73 -12.84
CA GLY A 65 10.79 -3.18 -12.22
C GLY A 65 9.68 -2.17 -12.45
N ILE A 66 9.75 -1.51 -13.61
CA ILE A 66 8.85 -0.42 -14.03
C ILE A 66 9.22 0.87 -13.28
N ALA A 67 10.46 1.32 -13.45
CA ALA A 67 10.93 2.62 -12.96
C ALA A 67 10.98 2.72 -11.42
N VAL A 68 11.15 1.56 -10.79
CA VAL A 68 11.19 1.48 -9.33
C VAL A 68 12.62 1.42 -8.81
N THR A 69 13.43 0.50 -9.33
CA THR A 69 14.81 0.38 -8.80
C THR A 69 15.72 1.44 -9.42
N ALA A 70 15.52 2.68 -8.99
CA ALA A 70 16.18 3.87 -9.53
C ALA A 70 17.66 3.94 -9.17
N LEU A 71 18.09 3.14 -8.19
CA LEU A 71 19.52 3.03 -7.88
C LEU A 71 20.03 1.62 -8.12
N GLY A 72 19.26 0.86 -8.91
CA GLY A 72 19.62 -0.50 -9.29
C GLY A 72 19.37 -1.46 -8.13
N HIS A 73 19.87 -2.69 -8.31
CA HIS A 73 19.57 -3.76 -7.34
C HIS A 73 20.61 -3.85 -6.27
N CYS A 74 20.15 -3.98 -5.04
CA CYS A 74 21.06 -4.15 -3.89
C CYS A 74 22.16 -3.10 -3.83
N HIS A 75 21.78 -1.83 -3.97
CA HIS A 75 22.73 -0.75 -3.91
C HIS A 75 23.28 -0.76 -2.51
N PRO A 76 24.62 -0.72 -2.36
CA PRO A 76 25.20 -0.87 -0.99
C PRO A 76 24.69 0.14 0.04
N ALA A 77 24.41 1.37 -0.39
CA ALA A 77 23.93 2.39 0.56
C ALA A 77 22.54 2.05 1.05
N LEU A 78 21.72 1.52 0.14
CA LEU A 78 20.36 1.15 0.48
C LEU A 78 20.32 -0.10 1.34
N VAL A 79 21.20 -1.06 1.02
CA VAL A 79 21.34 -2.26 1.83
C VAL A 79 21.78 -1.87 3.24
N GLU A 80 22.74 -0.94 3.33
CA GLU A 80 23.22 -0.51 4.64
C GLU A 80 22.09 0.15 5.45
N ALA A 81 21.31 1.03 4.82
CA ALA A 81 20.20 1.69 5.51
C ALA A 81 19.16 0.65 5.97
N LEU A 82 18.87 -0.32 5.11
CA LEU A 82 17.90 -1.38 5.43
C LEU A 82 18.36 -2.18 6.65
N LYS A 83 19.61 -2.58 6.63
CA LYS A 83 20.13 -3.42 7.71
C LYS A 83 20.22 -2.67 9.02
N SER A 84 20.65 -1.40 8.96
CA SER A 84 20.83 -0.62 10.19
CA SER A 84 20.83 -0.59 10.17
C SER A 84 19.49 -0.30 10.84
N GLN A 85 18.53 0.20 10.06
CA GLN A 85 17.20 0.42 10.61
C GLN A 85 16.53 -0.92 10.98
N GLY A 86 16.84 -1.97 10.23
CA GLY A 86 16.24 -3.30 10.44
C GLY A 86 16.64 -3.92 11.77
N GLU A 87 17.75 -3.44 12.34
CA GLU A 87 18.22 -3.83 13.68
C GLU A 87 17.65 -2.97 14.79
N THR A 88 16.95 -1.90 14.42
CA THR A 88 16.60 -0.83 15.36
C THR A 88 15.09 -0.75 15.63
N LEU A 89 14.32 -0.52 14.56
CA LEU A 89 12.87 -0.35 14.68
C LEU A 89 12.31 -0.40 13.27
N TRP A 90 11.35 -1.29 13.02
CA TRP A 90 10.74 -1.38 11.69
C TRP A 90 9.48 -0.60 11.57
N HIS A 91 8.66 -0.64 12.63
CA HIS A 91 7.27 -0.28 12.50
C HIS A 91 6.80 0.66 13.57
N THR A 92 6.04 1.68 13.17
CA THR A 92 5.21 2.46 14.10
C THR A 92 3.87 2.61 13.43
N SER A 93 2.81 2.70 14.21
CA SER A 93 1.50 3.04 13.67
C SER A 93 1.43 4.54 13.41
N ARG A 94 0.34 4.95 12.76
CA ARG A 94 0.16 6.37 12.45
C ARG A 94 -0.09 7.25 13.67
N VAL A 95 -0.27 6.64 14.83
CA VAL A 95 -0.35 7.38 16.11
C VAL A 95 0.98 8.10 16.40
N PHE A 96 2.08 7.50 15.92
CA PHE A 96 3.42 7.98 16.22
C PHE A 96 4.12 8.46 14.96
N THR A 97 5.17 9.25 15.17
CA THR A 97 6.16 9.47 14.13
C THR A 97 7.42 8.67 14.50
N ASN A 98 8.48 8.84 13.73
CA ASN A 98 9.71 8.12 14.01
C ASN A 98 10.83 8.90 13.34
N GLU A 99 12.07 8.64 13.75
CA GLU A 99 13.18 9.46 13.26
C GLU A 99 13.39 9.36 11.75
N PRO A 100 13.31 8.16 11.16
CA PRO A 100 13.47 8.13 9.70
C PRO A 100 12.39 8.93 8.95
N ALA A 101 11.15 8.87 9.42
CA ALA A 101 10.06 9.62 8.77
C ALA A 101 10.27 11.13 8.91
N LEU A 102 10.66 11.58 10.10
CA LEU A 102 10.93 12.98 10.33
C LEU A 102 12.06 13.48 9.45
N ARG A 103 13.12 12.67 9.34
CA ARG A 103 14.26 13.06 8.52
CA ARG A 103 14.29 12.99 8.51
C ARG A 103 13.88 13.11 7.05
N LEU A 104 13.16 12.09 6.57
CA LEU A 104 12.75 12.08 5.18
C LEU A 104 11.79 13.24 4.87
N GLY A 105 10.86 13.51 5.79
CA GLY A 105 9.93 14.63 5.62
C GLY A 105 10.69 15.93 5.50
N ARG A 106 11.69 16.13 6.38
CA ARG A 106 12.55 17.33 6.34
C ARG A 106 13.25 17.47 5.01
N LYS A 107 13.80 16.38 4.50
CA LYS A 107 14.52 16.40 3.22
C LYS A 107 13.59 16.80 2.08
N LEU A 108 12.38 16.24 2.08
CA LEU A 108 11.43 16.54 0.99
C LEU A 108 10.91 17.96 1.11
N ILE A 109 10.64 18.40 2.34
CA ILE A 109 10.17 19.76 2.58
C ILE A 109 11.23 20.79 2.18
N ASP A 110 12.48 20.55 2.55
CA ASP A 110 13.54 21.50 2.22
C ASP A 110 13.81 21.58 0.73
N ALA A 111 13.61 20.46 0.02
CA ALA A 111 13.96 20.39 -1.40
C ALA A 111 12.85 20.80 -2.37
N THR A 112 11.62 20.91 -1.87
CA THR A 112 10.48 21.09 -2.79
C THR A 112 9.58 22.18 -2.28
N PHE A 113 8.50 22.43 -3.02
CA PHE A 113 7.47 23.38 -2.61
C PHE A 113 6.74 22.93 -1.32
N ALA A 114 6.85 21.65 -0.96
CA ALA A 114 6.05 21.08 0.12
C ALA A 114 6.35 21.72 1.46
N GLU A 115 5.33 21.78 2.33
CA GLU A 115 5.48 22.16 3.73
C GLU A 115 5.03 21.01 4.63
N ARG A 116 4.34 20.03 4.04
CA ARG A 116 3.75 18.89 4.76
C ARG A 116 3.88 17.64 3.91
N VAL A 117 4.13 16.50 4.56
CA VAL A 117 4.32 15.25 3.85
C VAL A 117 3.59 14.15 4.59
N LEU A 118 2.77 13.42 3.84
CA LEU A 118 2.10 12.23 4.34
C LEU A 118 2.71 11.03 3.64
N PHE A 119 3.13 10.03 4.42
CA PHE A 119 3.73 8.84 3.84
C PHE A 119 2.77 7.66 3.82
N MET A 120 2.85 6.89 2.74
CA MET A 120 2.07 5.67 2.60
C MET A 120 2.98 4.57 2.08
N ASN A 121 2.40 3.48 1.57
CA ASN A 121 3.23 2.37 1.07
C ASN A 121 3.42 2.39 -0.43
N SER A 122 2.36 2.74 -1.15
CA SER A 122 2.38 2.62 -2.59
C SER A 122 1.93 3.90 -3.28
N GLY A 123 2.21 3.97 -4.58
CA GLY A 123 1.78 5.09 -5.42
C GLY A 123 0.27 5.18 -5.41
N THR A 124 -0.39 4.03 -5.46
CA THR A 124 -1.86 3.99 -5.44
C THR A 124 -2.38 4.64 -4.16
N GLU A 125 -1.79 4.29 -3.02
CA GLU A 125 -2.22 4.84 -1.75
C GLU A 125 -1.94 6.35 -1.67
N ALA A 126 -0.79 6.79 -2.19
CA ALA A 126 -0.47 8.21 -2.19
C ALA A 126 -1.47 9.00 -3.03
N ASN A 127 -1.81 8.45 -4.20
CA ASN A 127 -2.82 9.07 -5.06
C ASN A 127 -4.20 9.07 -4.42
N GLU A 128 -4.59 7.98 -3.79
CA GLU A 128 -5.84 7.99 -3.02
C GLU A 128 -5.86 9.15 -2.03
N THR A 129 -4.77 9.33 -1.28
CA THR A 129 -4.68 10.37 -0.29
C THR A 129 -4.74 11.75 -0.96
N ALA A 130 -4.03 11.92 -2.07
CA ALA A 130 -4.05 13.20 -2.80
C ALA A 130 -5.44 13.54 -3.32
N PHE A 131 -6.13 12.56 -3.90
CA PHE A 131 -7.44 12.81 -4.50
C PHE A 131 -8.48 13.04 -3.41
N LYS A 132 -8.41 12.25 -2.33
CA LYS A 132 -9.29 12.48 -1.18
C LYS A 132 -9.03 13.85 -0.58
N LEU A 133 -7.77 14.24 -0.47
CA LEU A 133 -7.44 15.54 0.12
C LEU A 133 -7.95 16.67 -0.76
N ALA A 134 -7.75 16.58 -2.08
CA ALA A 134 -8.28 17.62 -2.97
C ALA A 134 -9.81 17.73 -2.83
N ARG A 135 -10.48 16.58 -2.77
CA ARG A 135 -11.93 16.57 -2.58
C ARG A 135 -12.31 17.18 -1.26
N HIS A 136 -11.61 16.80 -0.18
CA HIS A 136 -12.02 17.24 1.15
C HIS A 136 -11.73 18.69 1.35
N TYR A 137 -10.60 19.14 0.83
CA TYR A 137 -10.28 20.57 0.87
C TYR A 137 -11.39 21.36 0.19
N ALA A 138 -11.82 20.94 -1.01
CA ALA A 138 -12.89 21.66 -1.69
C ALA A 138 -14.15 21.66 -0.87
N CYS A 139 -14.48 20.50 -0.28
CA CYS A 139 -15.68 20.35 0.51
C CYS A 139 -15.72 21.34 1.66
N VAL A 140 -14.63 21.41 2.43
CA VAL A 140 -14.66 22.17 3.67
C VAL A 140 -14.26 23.62 3.48
N ARG A 141 -13.51 23.91 2.42
CA ARG A 141 -13.05 25.29 2.19
C ARG A 141 -13.90 26.05 1.18
N HIS A 142 -14.70 25.34 0.40
CA HIS A 142 -15.49 26.01 -0.63
C HIS A 142 -16.93 25.60 -0.62
N SER A 143 -17.19 24.35 -0.96
CA SER A 143 -18.57 23.86 -1.04
C SER A 143 -18.59 22.34 -1.14
N PRO A 144 -19.56 21.69 -0.50
CA PRO A 144 -19.70 20.25 -0.70
C PRO A 144 -20.02 19.87 -2.15
N PHE A 145 -20.43 20.84 -2.96
CA PHE A 145 -20.80 20.58 -4.35
C PHE A 145 -19.61 20.72 -5.31
N LYS A 146 -18.46 21.16 -4.78
CA LYS A 146 -17.28 21.40 -5.61
C LYS A 146 -16.51 20.08 -5.70
N THR A 147 -16.91 19.23 -6.63
CA THR A 147 -16.43 17.85 -6.64
C THR A 147 -15.83 17.40 -7.97
N LYS A 148 -15.88 18.21 -9.03
CA LYS A 148 -15.40 17.66 -10.32
C LYS A 148 -13.88 17.49 -10.29
N ILE A 149 -13.43 16.34 -10.77
CA ILE A 149 -12.00 16.09 -10.96
C ILE A 149 -11.79 15.97 -12.46
N ILE A 150 -10.89 16.77 -13.01
CA ILE A 150 -10.49 16.64 -14.40
C ILE A 150 -9.21 15.81 -14.49
N ALA A 151 -9.23 14.80 -15.37
CA ALA A 151 -8.09 13.91 -15.58
C ALA A 151 -7.97 13.63 -17.05
N PHE A 152 -6.96 12.85 -17.42
CA PHE A 152 -6.63 12.74 -18.85
C PHE A 152 -6.71 11.35 -19.43
N HIS A 153 -7.16 11.30 -20.68
CA HIS A 153 -7.14 10.03 -21.42
C HIS A 153 -5.74 9.46 -21.36
N ASN A 154 -5.67 8.14 -21.18
CA ASN A 154 -4.42 7.36 -21.05
C ASN A 154 -3.65 7.54 -19.76
N ALA A 155 -4.20 8.31 -18.84
CA ALA A 155 -3.57 8.45 -17.53
C ALA A 155 -3.57 7.13 -16.77
N PHE A 156 -2.53 6.95 -15.97
CA PHE A 156 -2.48 5.84 -15.05
C PHE A 156 -2.17 6.38 -13.66
N HIS A 157 -3.05 6.09 -12.69
CA HIS A 157 -2.89 6.59 -11.33
C HIS A 157 -2.96 5.52 -10.28
N GLY A 158 -3.05 4.26 -10.72
CA GLY A 158 -3.16 3.13 -9.77
C GLY A 158 -4.35 2.24 -10.05
N ARG A 159 -4.51 1.20 -9.24
CA ARG A 159 -5.53 0.20 -9.55
C ARG A 159 -6.58 0.05 -8.46
N SER A 160 -6.60 0.98 -7.50
CA SER A 160 -7.73 1.02 -6.58
C SER A 160 -8.96 1.52 -7.35
N LEU A 161 -10.17 1.31 -6.83
CA LEU A 161 -11.35 1.73 -7.62
C LEU A 161 -11.32 3.23 -7.91
N PHE A 162 -10.96 4.04 -6.92
CA PHE A 162 -10.95 5.48 -7.13
C PHE A 162 -9.83 5.86 -8.07
N THR A 163 -8.62 5.35 -7.84
CA THR A 163 -7.50 5.79 -8.67
C THR A 163 -7.64 5.33 -10.12
N VAL A 164 -8.16 4.12 -10.33
CA VAL A 164 -8.34 3.60 -11.70
C VAL A 164 -9.47 4.36 -12.42
N SER A 165 -10.41 4.91 -11.64
CA SER A 165 -11.49 5.71 -12.22
C SER A 165 -10.98 7.11 -12.60
N VAL A 166 -10.03 7.63 -11.83
CA VAL A 166 -9.34 8.88 -12.22
C VAL A 166 -8.40 8.60 -13.39
N GLY A 167 -7.78 7.42 -13.39
CA GLY A 167 -7.01 6.94 -14.56
C GLY A 167 -7.86 6.99 -15.82
N GLY A 168 -7.19 7.06 -16.98
CA GLY A 168 -7.85 7.37 -18.25
C GLY A 168 -7.92 6.22 -19.21
N GLN A 169 -8.03 5.00 -18.70
CA GLN A 169 -8.12 3.81 -19.55
C GLN A 169 -9.38 3.06 -19.12
N PRO A 170 -10.52 3.35 -19.79
CA PRO A 170 -11.83 2.80 -19.44
C PRO A 170 -11.81 1.29 -19.30
N LYS A 171 -10.98 0.63 -20.12
CA LYS A 171 -10.83 -0.83 -20.08
C LYS A 171 -10.47 -1.32 -18.69
N TYR A 172 -9.69 -0.53 -17.95
CA TYR A 172 -9.21 -0.96 -16.64
C TYR A 172 -10.15 -0.57 -15.51
N SER A 173 -11.06 0.39 -15.78
CA SER A 173 -12.01 0.82 -14.77
C SER A 173 -13.39 0.22 -14.97
N ASP A 174 -13.65 -0.36 -16.14
CA ASP A 174 -14.92 -1.06 -16.40
C ASP A 174 -14.99 -2.35 -15.60
N GLY A 175 -16.20 -2.71 -15.17
CA GLY A 175 -16.45 -4.08 -14.70
C GLY A 175 -16.29 -4.31 -13.20
N PHE A 176 -16.28 -3.23 -12.42
CA PHE A 176 -16.15 -3.31 -10.96
C PHE A 176 -17.32 -2.70 -10.23
N GLY A 177 -18.43 -2.50 -10.95
CA GLY A 177 -19.61 -1.86 -10.38
C GLY A 177 -19.46 -0.34 -10.35
N PRO A 178 -20.35 0.33 -9.63
CA PRO A 178 -20.43 1.79 -9.71
C PRO A 178 -19.12 2.49 -9.33
N LYS A 179 -18.60 3.28 -10.27
CA LYS A 179 -17.36 4.00 -10.06
C LYS A 179 -17.65 5.27 -9.29
N PRO A 180 -16.68 5.73 -8.49
CA PRO A 180 -16.78 7.07 -7.88
C PRO A 180 -17.03 8.10 -8.97
N ALA A 181 -18.07 8.93 -8.78
CA ALA A 181 -18.53 9.83 -9.84
C ALA A 181 -17.78 11.15 -9.87
N ASP A 182 -18.18 12.01 -10.80
CA ASP A 182 -17.64 13.39 -10.92
C ASP A 182 -16.17 13.43 -11.33
N ILE A 183 -15.81 12.52 -12.22
CA ILE A 183 -14.49 12.52 -12.84
C ILE A 183 -14.70 12.70 -14.34
N ILE A 184 -14.04 13.69 -14.92
CA ILE A 184 -14.18 14.00 -16.35
C ILE A 184 -12.82 13.80 -17.01
N HIS A 185 -12.80 13.07 -18.14
CA HIS A 185 -11.54 12.88 -18.89
C HIS A 185 -11.53 13.63 -20.18
N VAL A 186 -10.41 14.28 -20.45
CA VAL A 186 -10.17 14.99 -21.71
C VAL A 186 -8.81 14.54 -22.22
N PRO A 187 -8.47 14.88 -23.49
CA PRO A 187 -7.17 14.41 -23.97
C PRO A 187 -5.97 15.05 -23.27
N PHE A 188 -4.94 14.25 -23.01
CA PHE A 188 -3.68 14.81 -22.53
C PHE A 188 -3.17 15.88 -23.49
N ASN A 189 -2.64 16.96 -22.94
CA ASN A 189 -2.09 18.08 -23.71
C ASN A 189 -3.11 18.97 -24.41
N ASP A 190 -4.40 18.72 -24.19
CA ASP A 190 -5.44 19.56 -24.80
C ASP A 190 -5.92 20.60 -23.77
N LEU A 191 -5.25 21.74 -23.76
CA LEU A 191 -5.59 22.80 -22.82
C LEU A 191 -6.98 23.39 -23.09
N HIS A 192 -7.36 23.52 -24.35
CA HIS A 192 -8.72 23.98 -24.66
C HIS A 192 -9.77 23.12 -24.02
N ALA A 193 -9.61 21.79 -24.11
CA ALA A 193 -10.59 20.89 -23.51
C ALA A 193 -10.68 21.07 -21.99
N VAL A 194 -9.55 21.30 -21.33
CA VAL A 194 -9.58 21.52 -19.89
C VAL A 194 -10.37 22.80 -19.57
N LYS A 195 -10.05 23.86 -20.31
CA LYS A 195 -10.73 25.15 -20.12
C LYS A 195 -12.26 24.97 -20.27
N ALA A 196 -12.66 24.15 -21.24
CA ALA A 196 -14.08 23.95 -21.56
C ALA A 196 -14.83 23.26 -20.44
N VAL A 197 -14.20 22.28 -19.79
CA VAL A 197 -14.90 21.48 -18.79
C VAL A 197 -14.75 22.06 -17.39
N MET A 198 -13.75 22.89 -17.15
CA MET A 198 -13.55 23.42 -15.81
C MET A 198 -14.56 24.50 -15.45
N ASP A 199 -14.89 24.56 -14.17
CA ASP A 199 -15.86 25.53 -13.68
C ASP A 199 -15.69 25.66 -12.17
N ASP A 200 -16.56 26.45 -11.53
CA ASP A 200 -16.47 26.66 -10.11
C ASP A 200 -16.79 25.41 -9.27
N HIS A 201 -17.34 24.39 -9.93
CA HIS A 201 -17.66 23.14 -9.27
C HIS A 201 -16.52 22.15 -9.43
N THR A 202 -15.38 22.63 -9.92
CA THR A 202 -14.21 21.76 -10.11
C THR A 202 -13.28 21.84 -8.90
N CYS A 203 -12.93 20.67 -8.35
CA CYS A 203 -12.03 20.63 -7.19
C CYS A 203 -10.57 20.39 -7.54
N ALA A 204 -10.30 19.74 -8.67
CA ALA A 204 -8.91 19.33 -8.97
C ALA A 204 -8.73 19.05 -10.42
N VAL A 205 -7.51 19.29 -10.88
CA VAL A 205 -6.99 18.73 -12.12
C VAL A 205 -5.87 17.79 -11.71
N VAL A 206 -5.95 16.55 -12.19
CA VAL A 206 -4.96 15.52 -11.86
C VAL A 206 -4.23 15.19 -13.14
N VAL A 207 -2.90 15.27 -13.09
CA VAL A 207 -2.11 15.06 -14.31
C VAL A 207 -0.77 14.44 -13.98
N GLU A 208 -0.32 13.52 -14.83
CA GLU A 208 1.09 13.08 -14.82
C GLU A 208 1.88 14.03 -15.71
N PRO A 209 2.93 14.69 -15.18
CA PRO A 209 3.68 15.60 -16.05
C PRO A 209 4.20 14.92 -17.31
N ILE A 210 4.61 13.65 -17.17
CA ILE A 210 4.82 12.75 -18.30
C ILE A 210 3.98 11.51 -18.05
N GLN A 211 3.16 11.15 -19.02
CA GLN A 211 2.37 9.93 -18.95
C GLN A 211 3.26 8.75 -19.33
N GLY A 212 3.66 7.98 -18.33
CA GLY A 212 4.58 6.87 -18.53
C GLY A 212 3.90 5.72 -19.23
N GLU A 213 2.88 5.16 -18.60
CA GLU A 213 2.14 4.02 -19.15
C GLU A 213 1.50 4.41 -20.49
N GLY A 214 0.99 5.65 -20.57
CA GLY A 214 0.32 6.14 -21.76
C GLY A 214 1.22 6.59 -22.89
N GLY A 215 2.16 5.73 -23.26
CA GLY A 215 3.02 5.98 -24.42
C GLY A 215 4.17 6.94 -24.21
N VAL A 216 4.54 7.20 -22.95
CA VAL A 216 5.65 8.12 -22.63
C VAL A 216 5.43 9.48 -23.31
N GLN A 217 4.32 10.13 -22.97
CA GLN A 217 3.96 11.41 -23.57
C GLN A 217 4.19 12.52 -22.55
N ALA A 218 5.03 13.48 -22.89
CA ALA A 218 5.34 14.60 -22.00
C ALA A 218 4.36 15.73 -22.19
N ALA A 219 3.99 16.40 -21.09
CA ALA A 219 3.17 17.61 -21.18
C ALA A 219 3.95 18.68 -21.94
N THR A 220 3.26 19.49 -22.73
CA THR A 220 3.93 20.68 -23.26
C THR A 220 3.96 21.78 -22.18
N PRO A 221 4.91 22.70 -22.28
CA PRO A 221 5.01 23.78 -21.30
C PRO A 221 3.73 24.59 -21.21
N GLU A 222 3.14 24.96 -22.34
CA GLU A 222 1.93 25.80 -22.31
C GLU A 222 0.75 25.04 -21.71
N PHE A 223 0.68 23.72 -21.95
CA PHE A 223 -0.35 22.91 -21.31
C PHE A 223 -0.22 22.92 -19.80
N LEU A 224 0.97 22.61 -19.29
CA LEU A 224 1.13 22.52 -17.84
C LEU A 224 0.97 23.87 -17.15
N LYS A 225 1.54 24.93 -17.74
CA LYS A 225 1.30 26.27 -17.19
C LYS A 225 -0.17 26.65 -17.24
N GLY A 226 -0.84 26.22 -18.31
CA GLY A 226 -2.26 26.47 -18.50
C GLY A 226 -3.07 25.83 -17.40
N LEU A 227 -2.69 24.61 -17.01
CA LEU A 227 -3.39 23.93 -15.93
C LEU A 227 -3.26 24.72 -14.64
N ARG A 228 -2.07 25.24 -14.37
CA ARG A 228 -1.84 26.03 -13.17
C ARG A 228 -2.73 27.29 -13.16
N ASP A 229 -2.82 27.95 -14.32
CA ASP A 229 -3.62 29.17 -14.42
C ASP A 229 -5.12 28.90 -14.26
N LEU A 230 -5.59 27.80 -14.84
CA LEU A 230 -7.00 27.45 -14.75
C LEU A 230 -7.34 27.02 -13.33
N CYS A 231 -6.45 26.28 -12.70
CA CYS A 231 -6.69 25.90 -11.30
C CYS A 231 -6.77 27.16 -10.43
N ASP A 232 -5.87 28.12 -10.67
CA ASP A 232 -5.94 29.39 -9.93
C ASP A 232 -7.29 30.08 -10.15
N GLU A 233 -7.73 30.15 -11.41
CA GLU A 233 -8.97 30.86 -11.79
C GLU A 233 -10.18 30.25 -11.11
N HIS A 234 -10.20 28.91 -11.04
CA HIS A 234 -11.39 28.17 -10.54
C HIS A 234 -11.27 27.71 -9.12
N GLN A 235 -10.23 28.15 -8.41
CA GLN A 235 -9.96 27.72 -7.02
C GLN A 235 -9.92 26.19 -6.87
N ALA A 236 -9.30 25.54 -7.84
CA ALA A 236 -9.15 24.08 -7.85
C ALA A 236 -7.70 23.77 -7.56
N LEU A 237 -7.43 22.57 -7.06
CA LEU A 237 -6.06 22.17 -6.78
C LEU A 237 -5.45 21.41 -7.95
N LEU A 238 -4.23 21.79 -8.29
CA LEU A 238 -3.48 21.10 -9.32
C LEU A 238 -2.67 19.98 -8.68
N VAL A 239 -2.96 18.75 -9.09
CA VAL A 239 -2.34 17.57 -8.49
C VAL A 239 -1.42 16.95 -9.53
N PHE A 240 -0.12 16.87 -9.21
CA PHE A 240 0.84 16.19 -10.08
C PHE A 240 1.11 14.79 -9.56
N ASP A 241 0.80 13.79 -10.39
CA ASP A 241 1.15 12.41 -10.07
C ASP A 241 2.56 12.20 -10.60
N GLU A 242 3.54 12.24 -9.69
CA GLU A 242 4.95 12.04 -10.07
C GLU A 242 5.45 10.69 -9.57
N VAL A 243 4.54 9.74 -9.42
CA VAL A 243 4.92 8.39 -9.02
C VAL A 243 5.98 7.81 -9.95
N GLN A 244 5.80 8.01 -11.25
CA GLN A 244 6.75 7.47 -12.20
C GLN A 244 7.80 8.48 -12.63
N CYS A 245 7.42 9.74 -12.78
CA CYS A 245 8.35 10.70 -13.34
C CYS A 245 9.13 11.45 -12.26
N GLY A 246 8.85 11.16 -11.00
CA GLY A 246 9.51 11.88 -9.90
C GLY A 246 10.78 11.20 -9.40
N MET A 247 11.32 11.77 -8.32
CA MET A 247 12.55 11.26 -7.69
C MET A 247 13.68 10.99 -8.69
N GLY A 248 13.97 12.01 -9.48
CA GLY A 248 15.14 12.03 -10.35
C GLY A 248 14.92 11.51 -11.75
N ARG A 249 13.78 10.89 -12.00
CA ARG A 249 13.59 10.15 -13.26
C ARG A 249 13.85 11.04 -14.47
N THR A 250 13.42 12.30 -14.40
CA THR A 250 13.58 13.27 -15.51
C THR A 250 14.92 13.98 -15.56
N GLY A 251 15.77 13.77 -14.56
CA GLY A 251 17.01 14.52 -14.48
C GLY A 251 16.89 15.77 -13.62
N ASP A 252 15.68 16.06 -13.15
CA ASP A 252 15.46 16.97 -12.01
C ASP A 252 14.89 16.14 -10.88
N LEU A 253 14.92 16.66 -9.65
CA LEU A 253 14.41 15.87 -8.56
C LEU A 253 12.94 15.48 -8.83
N PHE A 254 12.15 16.46 -9.27
CA PHE A 254 10.80 16.20 -9.72
C PHE A 254 10.57 16.90 -11.04
N ALA A 255 9.68 16.34 -11.85
CA ALA A 255 9.39 16.91 -13.17
C ALA A 255 8.87 18.33 -13.07
N TYR A 256 8.10 18.65 -12.03
CA TYR A 256 7.59 20.00 -11.86
C TYR A 256 8.70 21.05 -11.88
N MET A 257 9.90 20.66 -11.43
CA MET A 257 11.07 21.55 -11.38
C MET A 257 11.61 21.77 -12.79
N HIS A 258 11.56 20.74 -13.61
CA HIS A 258 11.91 20.88 -15.03
C HIS A 258 11.02 21.91 -15.68
N TYR A 259 9.71 21.79 -15.43
CA TYR A 259 8.74 22.61 -16.11
C TYR A 259 8.61 23.99 -15.51
N GLY A 260 9.03 24.13 -14.24
CA GLY A 260 8.82 25.36 -13.51
C GLY A 260 7.36 25.68 -13.27
N VAL A 261 6.55 24.66 -13.03
CA VAL A 261 5.14 24.85 -12.69
C VAL A 261 4.92 24.15 -11.36
N THR A 262 4.45 24.90 -10.37
CA THR A 262 4.33 24.36 -9.01
C THR A 262 2.92 23.85 -8.78
N PRO A 263 2.79 22.55 -8.45
CA PRO A 263 1.45 22.04 -8.16
C PRO A 263 1.04 22.37 -6.73
N ASP A 264 -0.21 22.07 -6.41
CA ASP A 264 -0.72 22.17 -5.07
C ASP A 264 -0.44 20.91 -4.26
N ILE A 265 -0.54 19.76 -4.93
CA ILE A 265 -0.27 18.47 -4.30
C ILE A 265 0.57 17.68 -5.30
N LEU A 266 1.54 16.94 -4.79
CA LEU A 266 2.37 16.06 -5.62
C LEU A 266 2.49 14.70 -4.96
N THR A 267 2.40 13.65 -5.77
CA THR A 267 2.61 12.30 -5.24
C THR A 267 3.90 11.69 -5.79
N SER A 268 4.54 10.89 -4.95
CA SER A 268 5.82 10.25 -5.25
C SER A 268 5.80 8.83 -4.72
N ALA A 269 6.43 7.92 -5.44
CA ALA A 269 6.60 6.53 -4.96
C ALA A 269 7.67 5.90 -5.86
N LYS A 270 7.62 4.59 -6.06
CA LYS A 270 8.57 3.89 -6.96
C LYS A 270 10.02 4.24 -6.60
N ALA A 271 10.64 5.14 -7.35
CA ALA A 271 12.04 5.51 -7.09
C ALA A 271 12.30 5.99 -5.66
N LEU A 272 11.28 6.58 -5.03
CA LEU A 272 11.45 7.11 -3.67
C LEU A 272 12.06 6.07 -2.72
N GLY A 273 11.62 4.81 -2.84
CA GLY A 273 12.14 3.72 -2.00
C GLY A 273 13.15 2.80 -2.64
N GLY A 274 13.49 3.06 -3.91
CA GLY A 274 14.48 2.26 -4.65
C GLY A 274 14.18 0.77 -4.71
N GLY A 275 12.93 0.37 -4.50
CA GLY A 275 12.58 -1.05 -4.43
C GLY A 275 11.90 -1.44 -3.13
N PHE A 276 12.00 -0.59 -2.11
CA PHE A 276 11.21 -0.78 -0.89
C PHE A 276 9.89 -0.05 -1.06
N PRO A 277 8.74 -0.71 -0.77
CA PRO A 277 7.45 -0.03 -0.93
C PRO A 277 7.30 1.16 0.01
N VAL A 278 7.21 2.36 -0.57
CA VAL A 278 7.02 3.59 0.20
C VAL A 278 6.48 4.63 -0.76
N SER A 279 5.68 5.55 -0.25
CA SER A 279 5.19 6.64 -1.08
C SER A 279 4.94 7.87 -0.25
N ALA A 280 4.75 8.99 -0.93
CA ALA A 280 4.60 10.27 -0.26
C ALA A 280 3.63 11.16 -1.01
N MET A 281 2.88 11.92 -0.23
CA MET A 281 1.98 12.94 -0.75
C MET A 281 2.48 14.24 -0.15
N LEU A 282 2.85 15.16 -1.03
CA LEU A 282 3.48 16.44 -0.66
C LEU A 282 2.51 17.54 -0.90
N THR A 283 2.34 18.42 0.07
CA THR A 283 1.46 19.60 -0.12
C THR A 283 1.84 20.73 0.82
N THR A 284 0.99 21.75 0.86
CA THR A 284 1.23 22.89 1.75
C THR A 284 0.50 22.70 3.06
N GLN A 285 0.85 23.55 4.03
CA GLN A 285 0.16 23.52 5.31
C GLN A 285 -1.30 23.93 5.10
N GLU A 286 -1.53 24.92 4.24
CA GLU A 286 -2.92 25.37 4.04
C GLU A 286 -3.83 24.25 3.57
N ILE A 287 -3.33 23.45 2.64
CA ILE A 287 -4.12 22.34 2.11
C ILE A 287 -4.18 21.16 3.08
N ALA A 288 -3.03 20.76 3.64
CA ALA A 288 -2.96 19.62 4.57
C ALA A 288 -3.83 19.84 5.82
N SER A 289 -4.04 21.09 6.20
CA SER A 289 -4.85 21.39 7.38
C SER A 289 -6.32 20.99 7.20
N ALA A 290 -6.76 20.69 5.97
CA ALA A 290 -8.13 20.21 5.77
C ALA A 290 -8.31 18.78 6.31
N PHE A 291 -7.20 18.07 6.48
CA PHE A 291 -7.21 16.73 7.08
C PHE A 291 -7.12 16.77 8.59
N GLY A 297 2.76 17.66 13.55
CA GLY A 297 3.86 18.46 13.03
C GLY A 297 3.88 18.55 11.52
N SER A 298 5.02 18.24 10.92
CA SER A 298 5.13 18.40 9.47
CA SER A 298 5.29 18.37 9.48
C SER A 298 4.96 17.12 8.65
N THR A 299 4.97 15.97 9.32
CA THR A 299 4.88 14.68 8.62
C THR A 299 3.74 13.85 9.19
N TYR A 300 3.24 12.91 8.41
CA TYR A 300 2.22 12.01 8.92
C TYR A 300 2.52 10.63 8.39
N GLY A 301 2.50 9.66 9.29
CA GLY A 301 2.78 8.28 8.91
C GLY A 301 4.24 8.07 8.54
N GLY A 302 4.49 6.96 7.86
CA GLY A 302 5.83 6.61 7.42
C GLY A 302 6.37 5.43 8.22
N ASN A 303 6.57 4.33 7.50
CA ASN A 303 7.17 3.12 8.08
C ASN A 303 8.65 3.44 8.34
N PRO A 304 9.14 3.20 9.58
CA PRO A 304 10.55 3.54 9.88
C PRO A 304 11.57 2.92 8.93
N LEU A 305 11.38 1.63 8.62
CA LEU A 305 12.28 0.94 7.73
C LEU A 305 12.21 1.54 6.32
N ALA A 306 10.98 1.74 5.83
CA ALA A 306 10.77 2.31 4.50
C ALA A 306 11.41 3.68 4.44
N CYS A 307 11.19 4.49 5.48
CA CYS A 307 11.69 5.86 5.44
C CYS A 307 13.20 5.93 5.58
N ALA A 308 13.81 4.98 6.28
CA ALA A 308 15.27 4.95 6.35
C ALA A 308 15.86 4.67 4.96
N VAL A 309 15.27 3.71 4.25
CA VAL A 309 15.72 3.36 2.91
C VAL A 309 15.52 4.53 1.95
N ALA A 310 14.35 5.16 2.03
CA ALA A 310 14.03 6.28 1.16
C ALA A 310 14.92 7.49 1.47
N GLY A 311 15.34 7.63 2.73
CA GLY A 311 16.23 8.74 3.08
C GLY A 311 17.59 8.57 2.42
N ALA A 312 18.10 7.34 2.45
CA ALA A 312 19.33 7.00 1.75
C ALA A 312 19.22 7.19 0.24
N THR A 313 18.07 6.79 -0.33
CA THR A 313 17.83 6.94 -1.74
C THR A 313 17.81 8.43 -2.10
N PHE A 314 17.06 9.21 -1.33
CA PHE A 314 16.96 10.65 -1.53
C PHE A 314 18.33 11.33 -1.50
N ASP A 315 19.14 10.95 -0.52
CA ASP A 315 20.47 11.56 -0.38
C ASP A 315 21.35 11.34 -1.59
N ILE A 316 21.20 10.20 -2.26
CA ILE A 316 22.01 9.91 -3.45
C ILE A 316 21.43 10.59 -4.69
N ILE A 317 20.12 10.44 -4.91
CA ILE A 317 19.50 10.99 -6.12
C ILE A 317 19.58 12.53 -6.15
N ASN A 318 19.35 13.15 -5.00
CA ASN A 318 19.38 14.60 -4.90
C ASN A 318 20.80 15.15 -4.79
N THR A 319 21.66 14.75 -5.72
CA THR A 319 23.02 15.26 -5.78
C THR A 319 23.25 15.83 -7.17
N PRO A 320 24.03 16.91 -7.26
CA PRO A 320 24.32 17.46 -8.57
C PRO A 320 24.85 16.40 -9.53
N GLU A 321 25.74 15.56 -9.03
CA GLU A 321 26.41 14.58 -9.87
C GLU A 321 25.49 13.49 -10.42
N VAL A 322 24.59 12.96 -9.60
CA VAL A 322 23.70 11.91 -10.07
C VAL A 322 22.71 12.53 -11.06
N LEU A 323 22.19 13.70 -10.72
CA LEU A 323 21.24 14.35 -11.63
C LEU A 323 21.87 14.72 -12.99
N GLN A 324 23.11 15.20 -12.97
CA GLN A 324 23.86 15.44 -14.22
C GLN A 324 24.02 14.14 -15.02
N GLY A 325 24.39 13.06 -14.32
CA GLY A 325 24.61 11.77 -14.97
C GLY A 325 23.40 11.22 -15.68
N ILE A 326 22.21 11.51 -15.16
CA ILE A 326 20.96 11.08 -15.79
C ILE A 326 20.85 11.61 -17.23
N HIS A 327 21.29 12.85 -17.43
CA HIS A 327 21.29 13.45 -18.76
C HIS A 327 22.36 12.87 -19.65
N THR A 328 23.55 12.65 -19.10
CA THR A 328 24.64 12.00 -19.85
C THR A 328 24.16 10.65 -20.34
N LYS A 329 23.57 9.89 -19.42
CA LYS A 329 23.15 8.53 -19.73
C LYS A 329 21.98 8.50 -20.70
N ARG A 330 21.06 9.44 -20.59
CA ARG A 330 19.97 9.52 -21.56
C ARG A 330 20.54 9.60 -22.96
N GLN A 331 21.54 10.46 -23.14
CA GLN A 331 22.04 10.60 -24.49
C GLN A 331 22.72 9.34 -25.00
N GLN A 332 23.32 8.57 -24.10
CA GLN A 332 23.91 7.28 -24.47
C GLN A 332 22.82 6.33 -24.95
N PHE A 333 21.73 6.24 -24.20
CA PHE A 333 20.60 5.42 -24.65
C PHE A 333 20.04 5.87 -25.99
N VAL A 334 19.81 7.17 -26.12
CA VAL A 334 19.18 7.72 -27.33
C VAL A 334 20.04 7.47 -28.56
N GLN A 335 21.36 7.65 -28.41
CA GLN A 335 22.29 7.42 -29.53
C GLN A 335 22.20 5.98 -30.01
N HIS A 336 22.07 5.04 -29.08
CA HIS A 336 21.87 3.64 -29.45
C HIS A 336 20.56 3.39 -30.15
N LEU A 337 19.49 4.00 -29.66
CA LEU A 337 18.17 3.83 -30.27
C LEU A 337 18.19 4.41 -31.69
N GLN A 338 18.92 5.52 -31.86
CA GLN A 338 19.06 6.12 -33.18
C GLN A 338 19.82 5.20 -34.14
N ALA A 339 20.88 4.57 -33.64
CA ALA A 339 21.69 3.65 -34.45
C ALA A 339 20.90 2.41 -34.85
N ILE A 340 20.11 1.90 -33.90
CA ILE A 340 19.21 0.78 -34.15
C ILE A 340 18.18 1.16 -35.20
N ASP A 341 17.64 2.37 -35.11
CA ASP A 341 16.68 2.78 -36.12
C ASP A 341 17.35 2.95 -37.49
N GLU A 342 18.58 3.45 -37.50
CA GLU A 342 19.34 3.63 -38.76
C GLU A 342 19.55 2.28 -39.44
N GLN A 343 19.82 1.25 -38.65
CA GLN A 343 20.05 -0.08 -39.20
C GLN A 343 18.76 -0.82 -39.55
N PHE A 344 17.71 -0.69 -38.74
CA PHE A 344 16.55 -1.55 -38.84
C PHE A 344 15.23 -0.88 -39.20
N ASP A 345 15.16 0.45 -39.08
CA ASP A 345 13.99 1.22 -39.48
C ASP A 345 12.71 0.76 -38.76
N ILE A 346 12.67 0.95 -37.44
CA ILE A 346 11.54 0.46 -36.66
C ILE A 346 10.81 1.52 -35.84
N PHE A 347 11.44 2.70 -35.67
CA PHE A 347 10.88 3.74 -34.78
C PHE A 347 10.40 4.95 -35.54
N SER A 348 9.29 5.52 -35.08
CA SER A 348 8.83 6.80 -35.61
C SER A 348 9.23 7.97 -34.70
N ASP A 349 9.54 7.69 -33.43
CA ASP A 349 9.80 8.76 -32.48
C ASP A 349 10.58 8.25 -31.28
N ILE A 350 11.52 9.05 -30.79
CA ILE A 350 12.21 8.76 -29.52
C ILE A 350 11.91 9.93 -28.60
N ARG A 351 11.36 9.66 -27.41
CA ARG A 351 10.88 10.73 -26.55
C ARG A 351 11.03 10.42 -25.05
N GLY A 352 10.34 11.19 -24.21
CA GLY A 352 10.50 11.07 -22.75
C GLY A 352 11.41 12.17 -22.22
N MET A 353 11.89 12.00 -21.00
CA MET A 353 12.74 12.97 -20.35
C MET A 353 13.66 12.20 -19.42
N GLY A 354 14.91 12.62 -19.35
CA GLY A 354 15.90 11.97 -18.46
C GLY A 354 15.98 10.49 -18.76
N LEU A 355 15.85 9.66 -17.72
CA LEU A 355 15.91 8.22 -17.93
C LEU A 355 14.54 7.55 -17.93
N LEU A 356 13.53 8.31 -18.36
CA LEU A 356 12.29 7.70 -18.84
C LEU A 356 12.31 7.88 -20.36
N ILE A 357 12.55 6.79 -21.09
CA ILE A 357 12.69 6.86 -22.55
C ILE A 357 11.57 6.09 -23.23
N GLY A 358 10.94 6.70 -24.24
CA GLY A 358 9.97 5.98 -25.07
C GLY A 358 10.50 5.94 -26.49
N ALA A 359 10.28 4.82 -27.17
CA ALA A 359 10.58 4.73 -28.59
C ALA A 359 9.34 4.19 -29.25
N GLU A 360 8.66 5.05 -30.00
CA GLU A 360 7.41 4.67 -30.63
C GLU A 360 7.72 3.87 -31.90
N LEU A 361 7.02 2.76 -32.08
CA LEU A 361 7.19 1.93 -33.26
C LEU A 361 6.50 2.55 -34.47
N LYS A 362 7.14 2.39 -35.63
CA LYS A 362 6.57 2.73 -36.95
C LYS A 362 5.24 2.00 -37.16
N PRO A 363 4.33 2.56 -37.99
CA PRO A 363 3.06 1.90 -38.28
C PRO A 363 3.21 0.42 -38.67
N LYS A 364 4.28 0.09 -39.38
CA LYS A 364 4.54 -1.30 -39.80
C LYS A 364 4.63 -2.25 -38.60
N TYR A 365 5.06 -1.72 -37.46
CA TYR A 365 5.27 -2.52 -36.26
C TYR A 365 4.30 -2.17 -35.13
N LYS A 366 3.30 -1.36 -35.45
CA LYS A 366 2.31 -1.00 -34.45
C LYS A 366 1.62 -2.23 -33.86
N GLY A 367 1.41 -2.20 -32.54
CA GLY A 367 0.82 -3.30 -31.82
C GLY A 367 1.80 -4.40 -31.41
N ARG A 368 3.07 -4.26 -31.81
CA ARG A 368 4.03 -5.35 -31.62
C ARG A 368 5.11 -5.08 -30.58
N ALA A 369 4.87 -4.10 -29.72
CA ALA A 369 5.83 -3.80 -28.64
C ALA A 369 6.15 -5.03 -27.82
N ARG A 370 5.14 -5.85 -27.55
CA ARG A 370 5.34 -7.08 -26.77
C ARG A 370 6.33 -8.02 -27.48
N ASP A 371 6.26 -8.10 -28.81
CA ASP A 371 7.20 -8.94 -29.56
C ASP A 371 8.66 -8.52 -29.33
N PHE A 372 8.91 -7.22 -29.32
CA PHE A 372 10.27 -6.74 -29.07
C PHE A 372 10.68 -6.93 -27.61
N LEU A 373 9.72 -6.80 -26.70
CA LEU A 373 9.99 -7.04 -25.29
C LEU A 373 10.45 -8.50 -25.09
N TYR A 374 9.71 -9.43 -25.68
CA TYR A 374 10.04 -10.85 -25.54
C TYR A 374 11.33 -11.21 -26.22
N ALA A 375 11.56 -10.69 -27.42
CA ALA A 375 12.83 -10.90 -28.10
C ALA A 375 13.97 -10.28 -27.28
N GLY A 376 13.69 -9.14 -26.66
CA GLY A 376 14.65 -8.53 -25.72
C GLY A 376 15.07 -9.48 -24.60
N ALA A 377 14.09 -10.07 -23.94
CA ALA A 377 14.33 -11.01 -22.83
C ALA A 377 15.16 -12.20 -23.31
N GLU A 378 14.83 -12.74 -24.49
CA GLU A 378 15.60 -13.84 -25.08
CA GLU A 378 15.60 -13.85 -25.06
C GLU A 378 17.06 -13.44 -25.30
N ALA A 379 17.27 -12.20 -25.73
CA ALA A 379 18.60 -11.67 -25.97
C ALA A 379 19.29 -11.21 -24.66
N GLY A 380 18.59 -11.31 -23.53
CA GLY A 380 19.19 -10.97 -22.24
C GLY A 380 19.07 -9.51 -21.80
N VAL A 381 18.07 -8.80 -22.30
CA VAL A 381 17.85 -7.41 -21.88
C VAL A 381 16.40 -7.22 -21.47
N MET A 382 16.19 -6.58 -20.33
CA MET A 382 14.84 -6.38 -19.81
C MET A 382 14.38 -4.98 -20.15
N VAL A 383 13.32 -4.88 -20.96
CA VAL A 383 12.78 -3.58 -21.36
C VAL A 383 11.30 -3.53 -20.99
N LEU A 384 10.64 -2.42 -21.32
CA LEU A 384 9.23 -2.23 -21.00
C LEU A 384 8.46 -1.89 -22.26
N ASN A 385 7.13 -1.92 -22.13
CA ASN A 385 6.25 -1.31 -23.13
C ASN A 385 5.58 -0.11 -22.50
N ALA A 386 4.90 0.68 -23.33
CA ALA A 386 4.04 1.77 -22.84
C ALA A 386 2.86 1.79 -23.78
N GLY A 387 2.05 0.73 -23.66
CA GLY A 387 1.07 0.44 -24.68
C GLY A 387 1.72 -0.42 -25.77
N ALA A 388 0.87 -0.95 -26.64
CA ALA A 388 1.32 -1.89 -27.66
C ALA A 388 2.18 -1.28 -28.76
N ASP A 389 2.27 0.06 -28.82
CA ASP A 389 3.02 0.74 -29.89
C ASP A 389 4.36 1.33 -29.47
N VAL A 390 4.70 1.23 -28.19
CA VAL A 390 5.83 1.99 -27.66
C VAL A 390 6.73 1.13 -26.78
N MET A 391 8.03 1.18 -27.07
CA MET A 391 9.04 0.60 -26.18
C MET A 391 9.40 1.63 -25.12
N ARG A 392 9.61 1.16 -23.90
CA ARG A 392 9.91 2.05 -22.79
C ARG A 392 11.14 1.55 -22.05
N PHE A 393 11.96 2.49 -21.62
CA PHE A 393 13.17 2.20 -20.84
C PHE A 393 13.15 3.04 -19.58
N ALA A 394 13.41 2.38 -18.45
CA ALA A 394 13.46 3.11 -17.17
C ALA A 394 14.52 2.49 -16.30
N PRO A 395 15.77 2.55 -16.75
CA PRO A 395 16.89 1.95 -16.00
C PRO A 395 17.23 2.70 -14.71
N SER A 396 18.02 2.05 -13.87
CA SER A 396 18.69 2.72 -12.78
C SER A 396 19.24 4.07 -13.20
N LEU A 397 19.05 5.07 -12.34
CA LEU A 397 19.55 6.42 -12.61
C LEU A 397 21.07 6.46 -12.58
N VAL A 398 21.67 5.41 -12.02
CA VAL A 398 23.13 5.35 -11.94
C VAL A 398 23.68 4.21 -12.79
N VAL A 399 22.88 3.74 -13.75
CA VAL A 399 23.28 2.62 -14.63
C VAL A 399 24.66 2.89 -15.23
N GLU A 400 25.56 1.93 -15.07
CA GLU A 400 26.91 2.09 -15.61
C GLU A 400 26.89 2.20 -17.12
N GLU A 401 27.76 3.05 -17.67
CA GLU A 401 27.86 3.17 -19.12
C GLU A 401 28.07 1.81 -19.81
N ALA A 402 28.91 0.96 -19.22
CA ALA A 402 29.16 -0.38 -19.78
C ALA A 402 27.86 -1.18 -19.90
N ASP A 403 26.96 -1.02 -18.93
CA ASP A 403 25.68 -1.71 -18.98
C ASP A 403 24.74 -1.10 -20.02
N ILE A 404 24.78 0.22 -20.19
CA ILE A 404 24.02 0.84 -21.28
C ILE A 404 24.45 0.25 -22.61
N HIS A 405 25.75 0.20 -22.86
CA HIS A 405 26.24 -0.30 -24.15
C HIS A 405 25.96 -1.75 -24.32
N GLU A 406 26.19 -2.56 -23.29
CA GLU A 406 25.91 -3.99 -23.42
C GLU A 406 24.42 -4.26 -23.62
N GLY A 407 23.59 -3.63 -22.80
CA GLY A 407 22.15 -3.88 -22.92
C GLY A 407 21.58 -3.43 -24.25
N MET A 408 22.10 -2.31 -24.76
CA MET A 408 21.61 -1.80 -26.03
C MET A 408 22.11 -2.63 -27.20
N GLN A 409 23.29 -3.25 -27.04
CA GLN A 409 23.75 -4.18 -28.06
C GLN A 409 22.83 -5.41 -28.09
N ARG A 410 22.44 -5.89 -26.90
CA ARG A 410 21.50 -7.01 -26.82
C ARG A 410 20.16 -6.63 -27.41
N PHE A 411 19.72 -5.40 -27.15
CA PHE A 411 18.45 -4.96 -27.71
C PHE A 411 18.52 -4.88 -29.25
N ALA A 412 19.66 -4.42 -29.78
CA ALA A 412 19.88 -4.40 -31.23
C ALA A 412 19.77 -5.81 -31.81
N GLN A 413 20.36 -6.78 -31.12
CA GLN A 413 20.26 -8.19 -31.53
C GLN A 413 18.82 -8.68 -31.56
N ALA A 414 18.04 -8.30 -30.55
CA ALA A 414 16.65 -8.66 -30.47
C ALA A 414 15.88 -8.05 -31.64
N VAL A 415 16.11 -6.76 -31.88
CA VAL A 415 15.45 -6.08 -32.98
C VAL A 415 15.81 -6.77 -34.29
N GLY A 416 17.10 -7.05 -34.49
CA GLY A 416 17.58 -7.80 -35.65
C GLY A 416 16.85 -9.12 -35.87
N LYS A 417 16.71 -9.91 -34.80
CA LYS A 417 15.97 -11.17 -34.89
C LYS A 417 14.52 -10.98 -35.32
N VAL A 418 13.84 -9.97 -34.75
CA VAL A 418 12.44 -9.69 -35.05
C VAL A 418 12.26 -9.24 -36.51
N VAL A 419 13.16 -8.37 -36.98
CA VAL A 419 13.08 -7.82 -38.33
C VAL A 419 13.56 -8.82 -39.38
N ALA A 420 14.51 -9.69 -39.02
CA ALA A 420 14.95 -10.74 -39.94
C ALA A 420 13.81 -11.74 -40.17
N LEU A 421 12.76 -11.62 -39.35
CA LEU A 421 11.51 -12.36 -39.46
C LEU A 421 11.68 -13.86 -39.25
N LEU B 33 -12.28 11.73 18.52
CA LEU B 33 -10.92 12.33 18.54
C LEU B 33 -9.87 11.27 18.20
N PRO B 34 -8.95 11.58 17.26
CA PRO B 34 -7.86 10.65 17.01
C PRO B 34 -6.88 10.66 18.17
N VAL B 35 -6.10 9.59 18.30
CA VAL B 35 -5.04 9.55 19.29
C VAL B 35 -3.72 9.77 18.55
N TYR B 36 -2.97 10.81 18.95
CA TYR B 36 -1.62 11.01 18.45
C TYR B 36 -0.66 11.19 19.59
N ALA B 37 0.55 10.65 19.45
CA ALA B 37 1.58 10.85 20.46
C ALA B 37 2.10 12.29 20.42
N PRO B 38 2.34 12.89 21.60
CA PRO B 38 2.93 14.22 21.64
C PRO B 38 4.40 14.18 21.20
N ALA B 39 5.00 15.36 21.04
CA ALA B 39 6.39 15.48 20.59
C ALA B 39 7.41 14.77 21.48
N ASP B 40 7.06 14.54 22.75
CA ASP B 40 7.96 13.87 23.69
C ASP B 40 7.82 12.33 23.75
N PHE B 41 7.08 11.76 22.80
CA PHE B 41 6.97 10.30 22.71
C PHE B 41 7.15 9.87 21.26
N ILE B 42 8.42 9.73 20.89
CA ILE B 42 8.81 9.29 19.57
C ILE B 42 9.61 7.99 19.73
N PRO B 43 9.01 6.86 19.31
CA PRO B 43 9.70 5.57 19.41
C PRO B 43 10.96 5.58 18.56
N VAL B 44 12.06 5.09 19.14
CA VAL B 44 13.32 5.03 18.38
C VAL B 44 13.88 3.63 18.25
N LYS B 45 13.54 2.75 19.20
CA LYS B 45 14.12 1.41 19.18
C LYS B 45 13.08 0.47 19.74
N GLY B 46 12.98 -0.72 19.15
CA GLY B 46 12.18 -1.78 19.73
C GLY B 46 12.94 -3.09 19.76
N LYS B 47 12.72 -3.86 20.82
CA LYS B 47 13.24 -5.22 20.90
C LYS B 47 12.23 -6.08 21.63
N GLY B 48 11.73 -7.12 20.97
CA GLY B 48 10.71 -7.96 21.57
C GLY B 48 9.48 -7.13 21.84
N SER B 49 9.00 -7.17 23.08
CA SER B 49 7.83 -6.37 23.44
C SER B 49 8.21 -5.12 24.25
N ARG B 50 9.43 -4.63 24.04
CA ARG B 50 9.89 -3.39 24.67
C ARG B 50 10.24 -2.35 23.63
N VAL B 51 9.84 -1.11 23.89
CA VAL B 51 10.07 0.03 22.99
C VAL B 51 10.70 1.15 23.81
N TRP B 52 11.69 1.82 23.22
CA TRP B 52 12.29 3.00 23.85
C TRP B 52 12.06 4.20 23.03
N ASP B 53 11.80 5.33 23.69
CA ASP B 53 11.63 6.60 22.98
C ASP B 53 12.93 7.42 22.98
N GLN B 54 12.86 8.62 22.40
CA GLN B 54 14.04 9.50 22.29
C GLN B 54 14.67 9.90 23.61
N GLN B 55 13.89 9.90 24.69
CA GLN B 55 14.42 10.24 26.02
C GLN B 55 14.92 9.01 26.74
N GLY B 56 14.86 7.87 26.06
CA GLY B 56 15.27 6.60 26.65
C GLY B 56 14.27 5.96 27.58
N LYS B 57 13.05 6.51 27.63
CA LYS B 57 11.98 5.88 28.43
C LYS B 57 11.59 4.55 27.80
N GLU B 58 11.43 3.53 28.65
CA GLU B 58 11.14 2.17 28.23
C GLU B 58 9.66 1.87 28.42
N TYR B 59 9.05 1.28 27.39
CA TYR B 59 7.64 0.90 27.44
C TYR B 59 7.48 -0.58 27.13
N ILE B 60 6.47 -1.20 27.76
CA ILE B 60 6.05 -2.52 27.35
C ILE B 60 4.98 -2.35 26.31
N ASP B 61 5.12 -3.06 25.21
CA ASP B 61 4.24 -2.86 24.07
C ASP B 61 3.12 -3.90 24.03
N PHE B 62 1.92 -3.48 24.44
CA PHE B 62 0.74 -4.35 24.32
C PHE B 62 -0.13 -3.94 23.14
N ALA B 63 0.39 -3.08 22.28
CA ALA B 63 -0.36 -2.52 21.17
C ALA B 63 0.09 -3.09 19.83
N GLY B 64 1.38 -3.43 19.72
CA GLY B 64 1.88 -4.02 18.47
C GLY B 64 1.75 -3.14 17.23
N GLY B 65 1.76 -1.81 17.41
CA GLY B 65 1.55 -0.89 16.28
C GLY B 65 0.18 -1.07 15.64
N ILE B 66 -0.77 -1.42 16.50
CA ILE B 66 -2.15 -1.81 16.12
C ILE B 66 -2.16 -3.19 15.47
N ALA B 67 -1.68 -4.18 16.22
CA ALA B 67 -1.79 -5.60 15.85
C ALA B 67 -0.93 -5.97 14.64
N VAL B 68 0.15 -5.21 14.44
CA VAL B 68 1.04 -5.44 13.31
C VAL B 68 2.25 -6.29 13.71
N THR B 69 2.95 -5.88 14.75
CA THR B 69 4.20 -6.57 15.13
C THR B 69 3.87 -7.80 15.96
N ALA B 70 3.34 -8.79 15.25
CA ALA B 70 2.84 -10.03 15.84
C ALA B 70 3.96 -10.92 16.39
N LEU B 71 5.20 -10.67 15.97
CA LEU B 71 6.33 -11.35 16.61
C LEU B 71 7.26 -10.40 17.35
N GLY B 72 6.74 -9.23 17.71
CA GLY B 72 7.48 -8.23 18.45
C GLY B 72 8.44 -7.46 17.56
N HIS B 73 9.26 -6.63 18.19
CA HIS B 73 10.18 -5.77 17.43
C HIS B 73 11.51 -6.41 17.19
N CYS B 74 11.99 -6.29 15.95
CA CYS B 74 13.30 -6.84 15.56
C CYS B 74 13.47 -8.28 16.00
N HIS B 75 12.47 -9.10 15.68
CA HIS B 75 12.59 -10.51 15.95
C HIS B 75 13.76 -11.09 15.17
N PRO B 76 14.65 -11.86 15.82
CA PRO B 76 15.85 -12.30 15.09
C PRO B 76 15.61 -13.06 13.78
N ALA B 77 14.57 -13.88 13.73
CA ALA B 77 14.27 -14.63 12.50
C ALA B 77 13.84 -13.69 11.36
N LEU B 78 13.07 -12.66 11.72
CA LEU B 78 12.58 -11.71 10.72
C LEU B 78 13.69 -10.77 10.26
N VAL B 79 14.51 -10.34 11.22
CA VAL B 79 15.72 -9.55 10.89
C VAL B 79 16.63 -10.36 9.95
N GLU B 80 16.84 -11.62 10.25
CA GLU B 80 17.66 -12.49 9.38
C GLU B 80 17.09 -12.61 7.96
N ALA B 81 15.78 -12.86 7.85
CA ALA B 81 15.13 -12.93 6.54
C ALA B 81 15.27 -11.62 5.77
N LEU B 82 15.11 -10.51 6.50
CA LEU B 82 15.20 -9.19 5.89
C LEU B 82 16.60 -8.96 5.35
N LYS B 83 17.59 -9.30 6.18
CA LYS B 83 18.96 -8.98 5.81
C LYS B 83 19.46 -9.88 4.69
N SER B 84 19.13 -11.17 4.74
CA SER B 84 19.60 -12.07 3.69
C SER B 84 18.95 -11.80 2.34
N GLN B 85 17.63 -11.63 2.32
CA GLN B 85 16.98 -11.29 1.05
C GLN B 85 17.41 -9.89 0.59
N GLY B 86 17.71 -9.02 1.55
CA GLY B 86 18.17 -7.65 1.27
C GLY B 86 19.49 -7.59 0.55
N GLU B 87 20.27 -8.67 0.65
CA GLU B 87 21.53 -8.77 -0.10
C GLU B 87 21.36 -9.35 -1.51
N THR B 88 20.16 -9.85 -1.81
CA THR B 88 19.93 -10.72 -2.95
C THR B 88 19.03 -10.07 -4.00
N LEU B 89 17.82 -9.72 -3.61
CA LEU B 89 16.86 -9.12 -4.54
C LEU B 89 15.73 -8.51 -3.73
N TRP B 90 15.44 -7.23 -3.96
CA TRP B 90 14.33 -6.58 -3.25
C TRP B 90 13.05 -6.55 -4.00
N HIS B 91 13.12 -6.34 -5.32
CA HIS B 91 11.97 -5.91 -6.06
C HIS B 91 11.83 -6.63 -7.39
N THR B 92 10.62 -7.07 -7.68
CA THR B 92 10.21 -7.43 -9.02
C THR B 92 8.89 -6.70 -9.27
N SER B 93 8.62 -6.40 -10.51
CA SER B 93 7.30 -5.88 -10.88
C SER B 93 6.33 -7.06 -10.96
N ARG B 94 5.05 -6.75 -11.18
CA ARG B 94 4.01 -7.78 -11.23
C ARG B 94 4.12 -8.66 -12.49
N VAL B 95 4.95 -8.23 -13.44
CA VAL B 95 5.26 -9.01 -14.64
C VAL B 95 6.01 -10.30 -14.28
N PHE B 96 6.79 -10.25 -13.20
CA PHE B 96 7.58 -11.39 -12.79
C PHE B 96 7.08 -11.97 -11.47
N THR B 97 7.40 -13.24 -11.24
CA THR B 97 7.31 -13.73 -9.89
C THR B 97 8.74 -13.78 -9.31
N ASN B 98 8.84 -14.28 -8.09
CA ASN B 98 10.13 -14.39 -7.44
C ASN B 98 10.01 -15.54 -6.45
N GLU B 99 11.15 -16.06 -6.02
CA GLU B 99 11.14 -17.25 -5.16
C GLU B 99 10.44 -17.03 -3.81
N PRO B 100 10.75 -15.91 -3.12
CA PRO B 100 10.03 -15.66 -1.87
C PRO B 100 8.49 -15.61 -2.02
N ALA B 101 7.99 -14.95 -3.07
CA ALA B 101 6.54 -14.90 -3.32
C ALA B 101 5.97 -16.29 -3.60
N LEU B 102 6.66 -17.09 -4.41
CA LEU B 102 6.21 -18.44 -4.71
C LEU B 102 6.16 -19.28 -3.45
N ARG B 103 7.19 -19.20 -2.63
CA ARG B 103 7.23 -19.99 -1.41
CA ARG B 103 7.27 -19.94 -1.36
C ARG B 103 6.12 -19.55 -0.44
N LEU B 104 5.91 -18.24 -0.29
CA LEU B 104 4.84 -17.75 0.59
C LEU B 104 3.46 -18.15 0.08
N GLY B 105 3.23 -18.00 -1.23
CA GLY B 105 1.96 -18.43 -1.82
C GLY B 105 1.70 -19.90 -1.56
N ARG B 106 2.71 -20.73 -1.76
CA ARG B 106 2.55 -22.17 -1.54
C ARG B 106 2.18 -22.45 -0.09
N LYS B 107 2.85 -21.76 0.82
CA LYS B 107 2.57 -21.91 2.27
C LYS B 107 1.11 -21.59 2.60
N LEU B 108 0.64 -20.47 2.06
CA LEU B 108 -0.71 -20.01 2.34
C LEU B 108 -1.74 -20.93 1.70
N ILE B 109 -1.46 -21.37 0.47
CA ILE B 109 -2.35 -22.30 -0.24
C ILE B 109 -2.43 -23.64 0.51
N ASP B 110 -1.29 -24.14 0.96
CA ASP B 110 -1.28 -25.43 1.65
C ASP B 110 -2.01 -25.38 3.00
N ALA B 111 -1.99 -24.21 3.65
CA ALA B 111 -2.50 -24.07 5.01
C ALA B 111 -3.96 -23.64 5.08
N THR B 112 -4.53 -23.21 3.96
CA THR B 112 -5.87 -22.60 3.96
C THR B 112 -6.73 -23.11 2.81
N PHE B 113 -7.96 -22.63 2.75
CA PHE B 113 -8.88 -22.95 1.67
C PHE B 113 -8.38 -22.42 0.30
N ALA B 114 -7.42 -21.49 0.33
CA ALA B 114 -7.01 -20.77 -0.89
C ALA B 114 -6.42 -21.69 -1.91
N GLU B 115 -6.67 -21.39 -3.19
CA GLU B 115 -5.96 -22.03 -4.29
C GLU B 115 -5.15 -21.00 -5.08
N ARG B 116 -5.44 -19.72 -4.85
CA ARG B 116 -4.75 -18.63 -5.54
C ARG B 116 -4.49 -17.53 -4.52
N VAL B 117 -3.36 -16.84 -4.66
CA VAL B 117 -2.98 -15.76 -3.75
C VAL B 117 -2.44 -14.58 -4.55
N LEU B 118 -2.95 -13.40 -4.24
CA LEU B 118 -2.42 -12.15 -4.81
C LEU B 118 -1.79 -11.35 -3.68
N PHE B 119 -0.56 -10.89 -3.87
CA PHE B 119 0.14 -10.13 -2.83
C PHE B 119 0.16 -8.66 -3.17
N MET B 120 -0.01 -7.83 -2.15
CA MET B 120 0.05 -6.38 -2.27
CA MET B 120 0.09 -6.39 -2.28
C MET B 120 0.87 -5.84 -1.09
N ASN B 121 0.75 -4.54 -0.84
CA ASN B 121 1.49 -3.93 0.26
C ASN B 121 0.71 -3.74 1.54
N SER B 122 -0.56 -3.37 1.43
CA SER B 122 -1.29 -3.02 2.62
C SER B 122 -2.61 -3.73 2.68
N GLY B 123 -3.20 -3.77 3.88
CA GLY B 123 -4.56 -4.30 4.02
C GLY B 123 -5.58 -3.55 3.16
N THR B 124 -5.43 -2.25 3.02
CA THR B 124 -6.32 -1.46 2.18
C THR B 124 -6.26 -1.95 0.74
N GLU B 125 -5.04 -2.17 0.25
CA GLU B 125 -4.87 -2.66 -1.12
C GLU B 125 -5.46 -4.07 -1.30
N ALA B 126 -5.25 -4.94 -0.31
CA ALA B 126 -5.78 -6.31 -0.39
C ALA B 126 -7.31 -6.27 -0.44
N ASN B 127 -7.90 -5.43 0.42
CA ASN B 127 -9.34 -5.25 0.42
C ASN B 127 -9.85 -4.64 -0.88
N GLU B 128 -9.15 -3.65 -1.42
CA GLU B 128 -9.51 -3.14 -2.75
C GLU B 128 -9.60 -4.27 -3.77
N THR B 129 -8.58 -5.11 -3.79
CA THR B 129 -8.52 -6.22 -4.73
C THR B 129 -9.64 -7.22 -4.47
N ALA B 130 -9.90 -7.52 -3.20
CA ALA B 130 -11.00 -8.43 -2.83
C ALA B 130 -12.36 -7.90 -3.31
N PHE B 131 -12.62 -6.62 -3.08
CA PHE B 131 -13.90 -6.04 -3.38
C PHE B 131 -14.07 -5.90 -4.88
N LYS B 132 -13.01 -5.46 -5.56
CA LYS B 132 -13.04 -5.41 -7.02
C LYS B 132 -13.26 -6.81 -7.62
N LEU B 133 -12.60 -7.82 -7.06
CA LEU B 133 -12.72 -9.18 -7.56
C LEU B 133 -14.16 -9.68 -7.38
N ALA B 134 -14.75 -9.45 -6.20
CA ALA B 134 -16.14 -9.87 -6.01
C ALA B 134 -17.05 -9.18 -7.02
N ARG B 135 -16.84 -7.89 -7.23
CA ARG B 135 -17.63 -7.15 -8.20
C ARG B 135 -17.44 -7.73 -9.60
N HIS B 136 -16.20 -7.98 -9.97
CA HIS B 136 -15.91 -8.38 -11.34
C HIS B 136 -16.36 -9.79 -11.59
N TYR B 137 -16.16 -10.67 -10.62
CA TYR B 137 -16.68 -12.03 -10.73
C TYR B 137 -18.20 -12.01 -10.97
N ALA B 138 -18.94 -11.21 -10.20
CA ALA B 138 -20.39 -11.11 -10.41
C ALA B 138 -20.72 -10.59 -11.82
N CYS B 139 -20.00 -9.55 -12.23
CA CYS B 139 -20.21 -8.93 -13.53
C CYS B 139 -20.06 -9.95 -14.66
N VAL B 140 -18.98 -10.72 -14.63
CA VAL B 140 -18.68 -11.60 -15.77
C VAL B 140 -19.40 -12.94 -15.69
N ARG B 141 -19.67 -13.42 -14.49
CA ARG B 141 -20.27 -14.76 -14.35
C ARG B 141 -21.79 -14.74 -14.27
N HIS B 142 -22.36 -13.61 -13.84
CA HIS B 142 -23.81 -13.51 -13.63
C HIS B 142 -24.48 -12.37 -14.34
N SER B 143 -24.11 -11.14 -14.00
CA SER B 143 -24.77 -9.97 -14.59
C SER B 143 -24.03 -8.71 -14.21
N PRO B 144 -23.94 -7.76 -15.15
CA PRO B 144 -23.35 -6.48 -14.80
C PRO B 144 -24.18 -5.71 -13.75
N PHE B 145 -25.42 -6.15 -13.50
CA PHE B 145 -26.30 -5.48 -12.52
C PHE B 145 -26.19 -6.07 -11.11
N LYS B 146 -25.41 -7.13 -10.97
CA LYS B 146 -25.26 -7.80 -9.68
C LYS B 146 -24.12 -7.11 -8.93
N THR B 147 -24.46 -6.00 -8.28
CA THR B 147 -23.44 -5.09 -7.73
C THR B 147 -23.55 -4.80 -6.23
N LYS B 148 -24.62 -5.22 -5.56
CA LYS B 148 -24.79 -4.81 -4.17
C LYS B 148 -23.73 -5.47 -3.29
N ILE B 149 -23.10 -4.67 -2.43
CA ILE B 149 -22.16 -5.17 -1.41
C ILE B 149 -22.83 -4.90 -0.07
N ILE B 150 -22.97 -5.94 0.75
CA ILE B 150 -23.46 -5.77 2.10
C ILE B 150 -22.29 -5.75 3.06
N ALA B 151 -22.28 -4.72 3.92
CA ALA B 151 -21.25 -4.58 4.93
C ALA B 151 -21.88 -4.14 6.24
N PHE B 152 -21.06 -3.92 7.26
CA PHE B 152 -21.59 -3.78 8.61
C PHE B 152 -21.25 -2.48 9.29
N HIS B 153 -22.20 -1.96 10.05
CA HIS B 153 -21.93 -0.78 10.89
C HIS B 153 -20.73 -1.02 11.75
N ASN B 154 -19.88 0.02 11.87
CA ASN B 154 -18.61 0.00 12.63
C ASN B 154 -17.49 -0.84 12.02
N ALA B 155 -17.70 -1.38 10.82
CA ALA B 155 -16.64 -2.09 10.12
C ALA B 155 -15.51 -1.14 9.76
N PHE B 156 -14.27 -1.65 9.80
CA PHE B 156 -13.15 -0.92 9.25
C PHE B 156 -12.45 -1.78 8.20
N HIS B 157 -12.28 -1.22 6.99
CA HIS B 157 -11.70 -1.97 5.88
C HIS B 157 -10.57 -1.23 5.20
N GLY B 158 -10.21 -0.06 5.74
CA GLY B 158 -9.15 0.74 5.13
C GLY B 158 -9.60 2.16 4.84
N ARG B 159 -8.68 2.96 4.31
CA ARG B 159 -8.97 4.38 4.14
C ARG B 159 -8.95 4.84 2.70
N SER B 160 -8.91 3.91 1.74
CA SER B 160 -9.08 4.34 0.35
C SER B 160 -10.56 4.69 0.16
N LEU B 161 -10.90 5.39 -0.92
CA LEU B 161 -12.31 5.80 -1.03
C LEU B 161 -13.27 4.61 -1.07
N PHE B 162 -12.92 3.59 -1.84
CA PHE B 162 -13.76 2.41 -1.93
C PHE B 162 -13.81 1.67 -0.59
N THR B 163 -12.65 1.43 0.02
CA THR B 163 -12.65 0.63 1.25
C THR B 163 -13.31 1.35 2.42
N VAL B 164 -13.13 2.67 2.51
CA VAL B 164 -13.75 3.44 3.59
C VAL B 164 -15.28 3.53 3.38
N SER B 165 -15.73 3.42 2.13
CA SER B 165 -17.15 3.40 1.83
C SER B 165 -17.77 2.06 2.17
N VAL B 166 -17.01 0.97 1.99
CA VAL B 166 -17.45 -0.34 2.47
C VAL B 166 -17.38 -0.38 4.01
N GLY B 167 -16.40 0.30 4.59
CA GLY B 167 -16.32 0.51 6.04
C GLY B 167 -17.62 1.13 6.56
N GLY B 168 -17.89 0.89 7.83
CA GLY B 168 -19.19 1.22 8.42
C GLY B 168 -19.19 2.39 9.37
N GLN B 169 -18.31 3.36 9.13
CA GLN B 169 -18.31 4.59 9.91
C GLN B 169 -18.49 5.79 8.98
N PRO B 170 -19.74 6.29 8.88
CA PRO B 170 -19.99 7.36 7.90
C PRO B 170 -19.13 8.60 8.14
N LYS B 171 -18.73 8.86 9.38
CA LYS B 171 -17.87 10.02 9.66
C LYS B 171 -16.54 9.95 8.89
N TYR B 172 -16.07 8.74 8.62
CA TYR B 172 -14.82 8.55 7.91
C TYR B 172 -14.98 8.55 6.39
N SER B 173 -16.18 8.31 5.90
CA SER B 173 -16.38 8.27 4.45
C SER B 173 -17.06 9.53 3.92
N ASP B 174 -17.60 10.35 4.82
CA ASP B 174 -18.20 11.63 4.40
C ASP B 174 -17.09 12.58 3.95
N GLY B 175 -17.39 13.45 2.99
CA GLY B 175 -16.55 14.62 2.76
C GLY B 175 -15.49 14.46 1.69
N PHE B 176 -15.62 13.42 0.89
CA PHE B 176 -14.67 13.14 -0.21
C PHE B 176 -15.32 13.12 -1.57
N GLY B 177 -16.53 13.67 -1.66
CA GLY B 177 -17.30 13.66 -2.89
C GLY B 177 -17.97 12.31 -3.12
N PRO B 178 -18.45 12.07 -4.35
CA PRO B 178 -19.31 10.91 -4.57
C PRO B 178 -18.64 9.57 -4.23
N LYS B 179 -19.25 8.85 -3.29
CA LYS B 179 -18.76 7.54 -2.89
C LYS B 179 -19.15 6.52 -3.94
N PRO B 180 -18.32 5.48 -4.12
CA PRO B 180 -18.75 4.35 -4.95
C PRO B 180 -20.06 3.79 -4.39
N ALA B 181 -21.05 3.63 -5.26
CA ALA B 181 -22.40 3.28 -4.85
C ALA B 181 -22.63 1.78 -4.66
N ASP B 182 -23.86 1.45 -4.30
CA ASP B 182 -24.34 0.07 -4.15
C ASP B 182 -23.67 -0.68 -3.01
N ILE B 183 -23.44 0.05 -1.92
CA ILE B 183 -22.96 -0.52 -0.68
C ILE B 183 -24.04 -0.29 0.38
N ILE B 184 -24.47 -1.38 1.02
CA ILE B 184 -25.54 -1.30 2.04
C ILE B 184 -24.99 -1.74 3.38
N HIS B 185 -25.21 -0.93 4.41
CA HIS B 185 -24.77 -1.27 5.76
C HIS B 185 -25.89 -1.64 6.67
N VAL B 186 -25.68 -2.75 7.38
CA VAL B 186 -26.61 -3.20 8.44
C VAL B 186 -25.83 -3.46 9.72
N PRO B 187 -26.51 -3.69 10.85
CA PRO B 187 -25.74 -3.92 12.08
C PRO B 187 -24.95 -5.23 12.07
N PHE B 188 -23.74 -5.19 12.62
CA PHE B 188 -22.93 -6.38 12.80
C PHE B 188 -23.72 -7.35 13.68
N ASN B 189 -23.66 -8.63 13.34
CA ASN B 189 -24.33 -9.68 14.09
C ASN B 189 -25.85 -9.74 13.91
N ASP B 190 -26.40 -8.93 13.01
CA ASP B 190 -27.84 -8.94 12.75
C ASP B 190 -28.12 -9.73 11.47
N LEU B 191 -28.30 -11.03 11.63
CA LEU B 191 -28.54 -11.90 10.48
C LEU B 191 -29.87 -11.56 9.80
N HIS B 192 -30.88 -11.20 10.58
CA HIS B 192 -32.16 -10.84 9.97
C HIS B 192 -32.00 -9.68 9.01
N ALA B 193 -31.24 -8.68 9.42
CA ALA B 193 -31.06 -7.50 8.58
C ALA B 193 -30.35 -7.88 7.28
N VAL B 194 -29.37 -8.80 7.35
CA VAL B 194 -28.68 -9.25 6.14
C VAL B 194 -29.65 -9.96 5.19
N LYS B 195 -30.45 -10.86 5.75
CA LYS B 195 -31.43 -11.60 4.95
C LYS B 195 -32.37 -10.61 4.25
N ALA B 196 -32.74 -9.56 4.98
CA ALA B 196 -33.69 -8.59 4.47
C ALA B 196 -33.17 -7.77 3.29
N VAL B 197 -31.88 -7.47 3.27
CA VAL B 197 -31.34 -6.61 2.21
C VAL B 197 -30.74 -7.42 1.06
N MET B 198 -30.42 -8.69 1.30
CA MET B 198 -29.80 -9.49 0.26
CA MET B 198 -29.78 -9.49 0.25
C MET B 198 -30.78 -9.95 -0.80
N ASP B 199 -30.28 -10.05 -2.04
CA ASP B 199 -31.09 -10.47 -3.15
C ASP B 199 -30.18 -10.95 -4.28
N ASP B 200 -30.79 -11.27 -5.42
CA ASP B 200 -30.05 -11.75 -6.57
C ASP B 200 -29.12 -10.70 -7.18
N HIS B 201 -29.35 -9.44 -6.83
CA HIS B 201 -28.48 -8.35 -7.28
C HIS B 201 -27.32 -8.11 -6.35
N THR B 202 -27.13 -9.01 -5.39
CA THR B 202 -26.05 -8.86 -4.39
C THR B 202 -24.82 -9.66 -4.84
N CYS B 203 -23.67 -8.99 -4.90
CA CYS B 203 -22.42 -9.62 -5.30
C CYS B 203 -21.54 -10.11 -4.14
N ALA B 204 -21.70 -9.51 -2.97
CA ALA B 204 -20.78 -9.82 -1.86
C ALA B 204 -21.36 -9.45 -0.54
N VAL B 205 -20.96 -10.20 0.48
CA VAL B 205 -21.07 -9.77 1.86
C VAL B 205 -19.64 -9.68 2.35
N VAL B 206 -19.31 -8.51 2.90
CA VAL B 206 -17.98 -8.24 3.43
C VAL B 206 -18.06 -8.13 4.95
N VAL B 207 -17.25 -8.92 5.65
CA VAL B 207 -17.32 -8.94 7.10
C VAL B 207 -15.94 -9.16 7.71
N GLU B 208 -15.68 -8.46 8.82
CA GLU B 208 -14.55 -8.83 9.73
C GLU B 208 -15.06 -9.86 10.72
N PRO B 209 -14.44 -11.05 10.76
CA PRO B 209 -14.96 -12.05 11.72
C PRO B 209 -15.01 -11.51 13.16
N ILE B 210 -14.02 -10.69 13.51
CA ILE B 210 -14.09 -9.89 14.73
C ILE B 210 -13.82 -8.46 14.30
N GLN B 211 -14.73 -7.55 14.67
CA GLN B 211 -14.55 -6.15 14.36
C GLN B 211 -13.59 -5.57 15.38
N GLY B 212 -12.36 -5.30 14.94
CA GLY B 212 -11.30 -4.87 15.85
C GLY B 212 -11.48 -3.43 16.30
N GLU B 213 -11.50 -2.51 15.33
CA GLU B 213 -11.73 -1.10 15.61
C GLU B 213 -13.10 -0.87 16.24
N GLY B 214 -14.09 -1.66 15.79
CA GLY B 214 -15.48 -1.53 16.22
C GLY B 214 -15.75 -2.21 17.55
N GLY B 215 -14.93 -1.91 18.54
CA GLY B 215 -15.19 -2.35 19.92
C GLY B 215 -14.80 -3.77 20.21
N VAL B 216 -13.99 -4.39 19.35
CA VAL B 216 -13.57 -5.80 19.54
C VAL B 216 -14.84 -6.67 19.68
N GLN B 217 -15.68 -6.62 18.66
CA GLN B 217 -16.92 -7.42 18.66
C GLN B 217 -16.80 -8.63 17.74
N ALA B 218 -16.95 -9.80 18.32
CA ALA B 218 -16.84 -11.05 17.58
C ALA B 218 -18.17 -11.43 16.95
N ALA B 219 -18.12 -11.93 15.72
CA ALA B 219 -19.30 -12.55 15.11
C ALA B 219 -19.81 -13.71 15.97
N THR B 220 -21.12 -13.85 16.08
CA THR B 220 -21.62 -15.09 16.70
C THR B 220 -21.56 -16.20 15.65
N PRO B 221 -21.50 -17.45 16.10
CA PRO B 221 -21.47 -18.58 15.18
C PRO B 221 -22.64 -18.62 14.21
N GLU B 222 -23.86 -18.37 14.70
CA GLU B 222 -25.04 -18.41 13.82
C GLU B 222 -25.01 -17.28 12.78
N PHE B 223 -24.48 -16.12 13.17
CA PHE B 223 -24.39 -14.99 12.24
C PHE B 223 -23.43 -15.35 11.11
N LEU B 224 -22.24 -15.82 11.45
CA LEU B 224 -21.26 -16.09 10.40
C LEU B 224 -21.68 -17.24 9.50
N LYS B 225 -22.21 -18.33 10.08
CA LYS B 225 -22.72 -19.43 9.27
C LYS B 225 -23.90 -18.96 8.40
N GLY B 226 -24.72 -18.09 8.97
CA GLY B 226 -25.84 -17.48 8.24
C GLY B 226 -25.37 -16.71 7.03
N LEU B 227 -24.26 -15.99 7.17
CA LEU B 227 -23.72 -15.25 6.03
C LEU B 227 -23.30 -16.20 4.93
N ARG B 228 -22.67 -17.31 5.31
CA ARG B 228 -22.24 -18.31 4.33
C ARG B 228 -23.46 -18.89 3.60
N ASP B 229 -24.52 -19.18 4.35
CA ASP B 229 -25.72 -19.75 3.76
C ASP B 229 -26.42 -18.76 2.84
N LEU B 230 -26.47 -17.49 3.25
CA LEU B 230 -27.13 -16.48 2.40
C LEU B 230 -26.32 -16.21 1.13
N CYS B 231 -25.00 -16.19 1.24
CA CYS B 231 -24.18 -16.02 0.06
C CYS B 231 -24.39 -17.20 -0.90
N ASP B 232 -24.45 -18.42 -0.36
CA ASP B 232 -24.70 -19.59 -1.22
C ASP B 232 -26.05 -19.45 -1.93
N GLU B 233 -27.07 -19.03 -1.20
CA GLU B 233 -28.45 -18.89 -1.72
C GLU B 233 -28.52 -17.87 -2.85
N HIS B 234 -27.79 -16.76 -2.70
CA HIS B 234 -27.87 -15.64 -3.65
C HIS B 234 -26.74 -15.58 -4.64
N GLN B 235 -25.91 -16.61 -4.66
CA GLN B 235 -24.73 -16.67 -5.53
C GLN B 235 -23.89 -15.42 -5.34
N ALA B 236 -23.73 -15.02 -4.08
CA ALA B 236 -22.86 -13.92 -3.73
C ALA B 236 -21.57 -14.46 -3.09
N LEU B 237 -20.51 -13.68 -3.13
CA LEU B 237 -19.25 -14.11 -2.52
C LEU B 237 -19.13 -13.57 -1.09
N LEU B 238 -18.75 -14.47 -0.20
CA LEU B 238 -18.48 -14.13 1.18
C LEU B 238 -17.01 -13.72 1.33
N VAL B 239 -16.79 -12.47 1.73
CA VAL B 239 -15.45 -11.88 1.83
C VAL B 239 -15.12 -11.66 3.31
N PHE B 240 -14.07 -12.33 3.80
CA PHE B 240 -13.62 -12.14 5.19
C PHE B 240 -12.41 -11.21 5.21
N ASP B 241 -12.56 -10.07 5.86
CA ASP B 241 -11.42 -9.18 6.06
C ASP B 241 -10.75 -9.64 7.35
N GLU B 242 -9.62 -10.34 7.20
CA GLU B 242 -8.86 -10.85 8.33
C GLU B 242 -7.56 -10.08 8.47
N VAL B 243 -7.55 -8.83 8.02
CA VAL B 243 -6.36 -7.99 8.14
C VAL B 243 -5.90 -7.87 9.60
N GLN B 244 -6.85 -7.70 10.52
CA GLN B 244 -6.54 -7.59 11.92
C GLN B 244 -6.65 -8.92 12.66
N CYS B 245 -7.63 -9.75 12.33
CA CYS B 245 -7.84 -10.97 13.11
C CYS B 245 -7.13 -12.20 12.56
N GLY B 246 -6.42 -12.05 11.44
CA GLY B 246 -5.74 -13.18 10.80
C GLY B 246 -4.31 -13.35 11.24
N MET B 247 -3.62 -14.30 10.62
CA MET B 247 -2.23 -14.62 10.92
C MET B 247 -1.94 -14.83 12.41
N GLY B 248 -2.73 -15.71 13.03
CA GLY B 248 -2.47 -16.17 14.38
C GLY B 248 -3.14 -15.39 15.48
N ARG B 249 -3.69 -14.22 15.15
CA ARG B 249 -4.18 -13.29 16.18
C ARG B 249 -5.17 -13.93 17.15
N THR B 250 -6.05 -14.78 16.62
CA THR B 250 -7.09 -15.40 17.45
C THR B 250 -6.68 -16.70 18.09
N GLY B 251 -5.46 -17.15 17.82
CA GLY B 251 -5.04 -18.47 18.30
C GLY B 251 -5.25 -19.60 17.30
N ASP B 252 -5.82 -19.27 16.14
CA ASP B 252 -5.88 -20.14 14.97
C ASP B 252 -5.16 -19.34 13.89
N LEU B 253 -4.74 -19.98 12.81
CA LEU B 253 -4.02 -19.23 11.78
C LEU B 253 -4.91 -18.13 11.21
N PHE B 254 -6.16 -18.47 10.93
CA PHE B 254 -7.14 -17.46 10.56
C PHE B 254 -8.39 -17.67 11.39
N ALA B 255 -9.08 -16.57 11.68
CA ALA B 255 -10.35 -16.64 12.43
C ALA B 255 -11.36 -17.58 11.80
N TYR B 256 -11.39 -17.65 10.48
CA TYR B 256 -12.37 -18.51 9.82
C TYR B 256 -12.23 -19.97 10.29
N MET B 257 -11.01 -20.34 10.67
CA MET B 257 -10.74 -21.71 11.12
C MET B 257 -11.32 -21.95 12.50
N HIS B 258 -11.31 -20.92 13.34
CA HIS B 258 -11.96 -20.99 14.63
C HIS B 258 -13.44 -21.23 14.45
N TYR B 259 -14.04 -20.47 13.54
CA TYR B 259 -15.50 -20.55 13.33
C TYR B 259 -15.90 -21.75 12.50
N GLY B 260 -14.97 -22.25 11.69
CA GLY B 260 -15.28 -23.32 10.76
C GLY B 260 -16.27 -22.89 9.69
N VAL B 261 -16.15 -21.64 9.25
CA VAL B 261 -16.95 -21.14 8.12
C VAL B 261 -15.95 -20.68 7.07
N THR B 262 -16.04 -21.25 5.87
CA THR B 262 -15.04 -20.95 4.85
C THR B 262 -15.53 -19.81 3.95
N PRO B 263 -14.76 -18.73 3.87
CA PRO B 263 -15.17 -17.66 2.94
C PRO B 263 -14.80 -17.99 1.49
N ASP B 264 -15.28 -17.16 0.57
CA ASP B 264 -14.86 -17.24 -0.82
C ASP B 264 -13.57 -16.47 -1.08
N ILE B 265 -13.41 -15.34 -0.38
CA ILE B 265 -12.24 -14.49 -0.51
C ILE B 265 -11.83 -14.08 0.90
N LEU B 266 -10.52 -14.09 1.18
CA LEU B 266 -10.02 -13.67 2.47
C LEU B 266 -8.86 -12.71 2.28
N THR B 267 -8.81 -11.65 3.10
CA THR B 267 -7.67 -10.72 3.07
C THR B 267 -6.85 -10.78 4.37
N SER B 268 -5.54 -10.58 4.21
CA SER B 268 -4.61 -10.68 5.33
C SER B 268 -3.56 -9.60 5.15
N ALA B 269 -3.11 -9.00 6.25
CA ALA B 269 -2.00 -8.03 6.22
C ALA B 269 -1.49 -7.93 7.65
N LYS B 270 -0.96 -6.77 8.04
CA LYS B 270 -0.52 -6.52 9.44
C LYS B 270 0.43 -7.63 9.92
N ALA B 271 -0.05 -8.56 10.74
CA ALA B 271 0.78 -9.66 11.24
C ALA B 271 1.50 -10.45 10.14
N LEU B 272 0.90 -10.53 8.94
CA LEU B 272 1.52 -11.26 7.84
C LEU B 272 3.00 -10.92 7.63
N GLY B 273 3.34 -9.63 7.70
CA GLY B 273 4.73 -9.19 7.53
C GLY B 273 5.46 -8.79 8.81
N GLY B 274 4.78 -8.92 9.95
CA GLY B 274 5.39 -8.65 11.26
C GLY B 274 5.96 -7.27 11.42
N GLY B 275 5.47 -6.32 10.62
CA GLY B 275 5.99 -4.96 10.63
C GLY B 275 6.50 -4.50 9.29
N PHE B 276 6.69 -5.46 8.37
CA PHE B 276 7.04 -5.10 6.99
C PHE B 276 5.73 -4.97 6.21
N PRO B 277 5.55 -3.88 5.44
CA PRO B 277 4.27 -3.77 4.72
C PRO B 277 4.09 -4.85 3.63
N VAL B 278 3.11 -5.71 3.82
CA VAL B 278 2.78 -6.76 2.87
C VAL B 278 1.34 -7.19 3.14
N SER B 279 0.65 -7.64 2.11
CA SER B 279 -0.71 -8.11 2.29
C SER B 279 -1.01 -9.19 1.26
N ALA B 280 -2.10 -9.92 1.48
CA ALA B 280 -2.50 -11.00 0.59
C ALA B 280 -4.00 -11.08 0.46
N MET B 281 -4.45 -11.41 -0.75
CA MET B 281 -5.84 -11.71 -1.01
C MET B 281 -5.85 -13.17 -1.43
N LEU B 282 -6.61 -13.97 -0.68
CA LEU B 282 -6.68 -15.42 -0.91
C LEU B 282 -8.04 -15.78 -1.45
N THR B 283 -8.05 -16.61 -2.49
CA THR B 283 -9.31 -17.06 -3.06
C THR B 283 -9.12 -18.39 -3.80
N THR B 284 -10.15 -18.82 -4.50
CA THR B 284 -10.12 -20.08 -5.26
C THR B 284 -9.78 -19.84 -6.73
N GLN B 285 -9.44 -20.91 -7.43
CA GLN B 285 -9.16 -20.82 -8.86
C GLN B 285 -10.42 -20.36 -9.60
N GLU B 286 -11.57 -20.86 -9.21
CA GLU B 286 -12.81 -20.52 -9.90
C GLU B 286 -13.06 -19.01 -9.86
N ILE B 287 -12.81 -18.40 -8.72
CA ILE B 287 -13.08 -16.98 -8.56
C ILE B 287 -11.98 -16.14 -9.21
N ALA B 288 -10.73 -16.51 -8.94
CA ALA B 288 -9.59 -15.75 -9.45
C ALA B 288 -9.56 -15.75 -10.97
N SER B 289 -10.13 -16.78 -11.58
CA SER B 289 -10.14 -16.88 -13.04
C SER B 289 -10.96 -15.78 -13.72
N ALA B 290 -11.80 -15.10 -12.95
CA ALA B 290 -12.54 -13.93 -13.43
C ALA B 290 -11.65 -12.75 -13.78
N PHE B 291 -10.51 -12.63 -13.11
CA PHE B 291 -9.54 -11.55 -13.35
C PHE B 291 -8.57 -11.90 -14.48
N GLY B 297 0.57 -18.92 -12.88
CA GLY B 297 0.73 -19.79 -11.72
C GLY B 297 -0.32 -19.56 -10.65
N SER B 298 0.00 -19.94 -9.42
CA SER B 298 -0.94 -19.82 -8.31
C SER B 298 -0.82 -18.49 -7.54
N THR B 299 0.25 -17.74 -7.80
CA THR B 299 0.49 -16.48 -7.07
C THR B 299 0.67 -15.33 -8.06
N TYR B 300 0.29 -14.13 -7.62
CA TYR B 300 0.50 -12.95 -8.44
C TYR B 300 1.02 -11.84 -7.56
N GLY B 301 2.05 -11.15 -8.04
CA GLY B 301 2.63 -10.06 -7.29
C GLY B 301 3.46 -10.55 -6.12
N GLY B 302 3.82 -9.61 -5.25
CA GLY B 302 4.61 -9.91 -4.07
C GLY B 302 6.03 -9.40 -4.18
N ASN B 303 6.35 -8.45 -3.31
CA ASN B 303 7.69 -7.88 -3.20
C ASN B 303 8.61 -8.97 -2.61
N PRO B 304 9.74 -9.30 -3.29
CA PRO B 304 10.63 -10.37 -2.78
C PRO B 304 11.04 -10.17 -1.31
N LEU B 305 11.38 -8.95 -0.94
CA LEU B 305 11.80 -8.67 0.42
C LEU B 305 10.65 -8.90 1.40
N ALA B 306 9.49 -8.35 1.05
CA ALA B 306 8.31 -8.47 1.87
C ALA B 306 7.94 -9.93 2.07
N CYS B 307 7.97 -10.68 0.96
CA CYS B 307 7.57 -12.08 0.99
C CYS B 307 8.57 -12.96 1.72
N ALA B 308 9.86 -12.62 1.65
CA ALA B 308 10.85 -13.35 2.46
C ALA B 308 10.56 -13.15 3.95
N VAL B 309 10.28 -11.91 4.35
CA VAL B 309 9.95 -11.62 5.75
C VAL B 309 8.66 -12.30 6.17
N ALA B 310 7.62 -12.21 5.34
CA ALA B 310 6.34 -12.84 5.64
C ALA B 310 6.47 -14.36 5.70
N GLY B 311 7.35 -14.92 4.88
CA GLY B 311 7.59 -16.37 4.93
C GLY B 311 8.17 -16.79 6.27
N ALA B 312 9.11 -16.00 6.78
CA ALA B 312 9.71 -16.30 8.09
C ALA B 312 8.68 -16.15 9.20
N THR B 313 7.83 -15.12 9.09
CA THR B 313 6.77 -14.86 10.06
C THR B 313 5.77 -16.02 10.05
N PHE B 314 5.34 -16.42 8.86
CA PHE B 314 4.43 -17.55 8.68
C PHE B 314 4.97 -18.84 9.30
N ASP B 315 6.26 -19.10 9.08
CA ASP B 315 6.86 -20.33 9.57
C ASP B 315 6.84 -20.41 11.09
N ILE B 316 6.90 -19.27 11.76
CA ILE B 316 6.88 -19.24 13.22
C ILE B 316 5.43 -19.28 13.73
N ILE B 317 4.58 -18.43 13.15
CA ILE B 317 3.20 -18.37 13.66
C ILE B 317 2.45 -19.67 13.43
N ASN B 318 2.63 -20.28 12.26
CA ASN B 318 1.88 -21.50 11.93
C ASN B 318 2.56 -22.74 12.51
N THR B 319 2.70 -22.75 13.82
CA THR B 319 3.25 -23.89 14.56
C THR B 319 2.33 -24.21 15.72
N PRO B 320 2.28 -25.49 16.11
CA PRO B 320 1.45 -25.80 17.28
C PRO B 320 1.88 -25.05 18.54
N GLU B 321 3.18 -24.92 18.74
CA GLU B 321 3.70 -24.29 19.95
C GLU B 321 3.29 -22.81 20.06
N VAL B 322 3.40 -22.07 18.95
CA VAL B 322 3.06 -20.64 19.01
C VAL B 322 1.55 -20.48 19.14
N LEU B 323 0.79 -21.24 18.37
CA LEU B 323 -0.66 -21.14 18.45
C LEU B 323 -1.20 -21.54 19.82
N GLN B 324 -0.65 -22.60 20.41
CA GLN B 324 -1.05 -22.93 21.79
C GLN B 324 -0.68 -21.81 22.76
N GLY B 325 0.53 -21.24 22.61
CA GLY B 325 1.00 -20.18 23.51
C GLY B 325 0.12 -18.95 23.48
N ILE B 326 -0.47 -18.65 22.33
CA ILE B 326 -1.41 -17.52 22.21
C ILE B 326 -2.58 -17.68 23.18
N HIS B 327 -3.07 -18.90 23.34
CA HIS B 327 -4.13 -19.17 24.30
C HIS B 327 -3.69 -19.06 25.72
N THR B 328 -2.50 -19.56 26.02
CA THR B 328 -1.95 -19.42 27.35
C THR B 328 -1.81 -17.94 27.69
N LYS B 329 -1.25 -17.20 26.75
CA LYS B 329 -0.98 -15.79 26.99
C LYS B 329 -2.24 -14.96 27.11
N ARG B 330 -3.26 -15.30 26.33
CA ARG B 330 -4.53 -14.60 26.46
C ARG B 330 -4.98 -14.68 27.91
N GLN B 331 -4.93 -15.89 28.46
CA GLN B 331 -5.46 -16.03 29.82
C GLN B 331 -4.64 -15.30 30.86
N GLN B 332 -3.32 -15.18 30.64
CA GLN B 332 -2.48 -14.36 31.53
C GLN B 332 -2.92 -12.89 31.49
N PHE B 333 -3.18 -12.36 30.30
CA PHE B 333 -3.70 -11.00 30.20
C PHE B 333 -5.06 -10.85 30.84
N VAL B 334 -5.95 -11.79 30.56
CA VAL B 334 -7.33 -11.70 31.07
C VAL B 334 -7.34 -11.76 32.59
N GLN B 335 -6.51 -12.62 33.18
CA GLN B 335 -6.44 -12.71 34.63
C GLN B 335 -5.96 -11.40 35.23
N HIS B 336 -4.99 -10.74 34.59
CA HIS B 336 -4.56 -9.43 35.05
C HIS B 336 -5.66 -8.40 34.93
N LEU B 337 -6.38 -8.41 33.81
CA LEU B 337 -7.49 -7.46 33.62
C LEU B 337 -8.61 -7.68 34.65
N GLN B 338 -8.90 -8.95 34.94
CA GLN B 338 -9.86 -9.28 35.98
C GLN B 338 -9.42 -8.78 37.36
N ALA B 339 -8.13 -8.95 37.68
CA ALA B 339 -7.57 -8.44 38.93
C ALA B 339 -7.67 -6.91 39.03
N ILE B 340 -7.36 -6.22 37.94
CA ILE B 340 -7.53 -4.78 37.89
C ILE B 340 -8.98 -4.40 38.09
N ASP B 341 -9.89 -5.14 37.48
CA ASP B 341 -11.29 -4.85 37.64
C ASP B 341 -11.75 -5.10 39.08
N GLU B 342 -11.23 -6.15 39.71
CA GLU B 342 -11.57 -6.45 41.10
CA GLU B 342 -11.56 -6.45 41.10
C GLU B 342 -11.16 -5.30 42.01
N GLN B 343 -10.02 -4.70 41.74
CA GLN B 343 -9.50 -3.61 42.57
C GLN B 343 -10.16 -2.27 42.27
N PHE B 344 -10.41 -1.99 40.99
CA PHE B 344 -10.83 -0.65 40.57
C PHE B 344 -12.22 -0.49 39.99
N ASP B 345 -12.88 -1.61 39.65
CA ASP B 345 -14.24 -1.64 39.11
C ASP B 345 -14.40 -0.73 37.89
N ILE B 346 -13.69 -1.07 36.82
CA ILE B 346 -13.69 -0.23 35.62
C ILE B 346 -14.28 -0.88 34.37
N PHE B 347 -14.39 -2.21 34.34
CA PHE B 347 -14.84 -2.91 33.13
C PHE B 347 -16.20 -3.56 33.25
N SER B 348 -16.95 -3.53 32.15
CA SER B 348 -18.22 -4.25 32.08
C SER B 348 -18.06 -5.56 31.31
N ASP B 349 -17.00 -5.69 30.52
CA ASP B 349 -16.84 -6.88 29.69
C ASP B 349 -15.39 -7.04 29.25
N ILE B 350 -14.90 -8.28 29.23
CA ILE B 350 -13.61 -8.60 28.63
C ILE B 350 -13.87 -9.61 27.54
N ARG B 351 -13.42 -9.31 26.33
CA ARG B 351 -13.79 -10.09 25.17
C ARG B 351 -12.68 -10.12 24.12
N GLY B 352 -13.04 -10.48 22.89
CA GLY B 352 -12.02 -10.76 21.86
C GLY B 352 -11.68 -12.23 21.80
N MET B 353 -10.61 -12.55 21.08
CA MET B 353 -10.24 -13.94 20.84
C MET B 353 -8.72 -13.96 20.77
N GLY B 354 -8.10 -15.01 21.31
CA GLY B 354 -6.64 -15.08 21.29
C GLY B 354 -5.99 -13.83 21.85
N LEU B 355 -5.04 -13.25 21.12
CA LEU B 355 -4.36 -12.08 21.62
C LEU B 355 -4.87 -10.79 20.95
N LEU B 356 -6.15 -10.82 20.58
CA LEU B 356 -6.91 -9.59 20.37
C LEU B 356 -7.87 -9.49 21.54
N ILE B 357 -7.57 -8.58 22.47
CA ILE B 357 -8.37 -8.48 23.70
C ILE B 357 -9.05 -7.13 23.74
N GLY B 358 -10.33 -7.16 24.06
CA GLY B 358 -11.10 -5.93 24.29
C GLY B 358 -11.58 -5.90 25.72
N ALA B 359 -11.50 -4.73 26.34
CA ALA B 359 -12.05 -4.55 27.68
C ALA B 359 -12.94 -3.33 27.67
N GLU B 360 -14.25 -3.56 27.77
CA GLU B 360 -15.21 -2.46 27.67
C GLU B 360 -15.34 -1.76 29.01
N LEU B 361 -15.25 -0.44 28.99
CA LEU B 361 -15.42 0.37 30.20
C LEU B 361 -16.87 0.41 30.67
N LYS B 362 -17.03 0.44 31.99
CA LYS B 362 -18.35 0.61 32.59
C LYS B 362 -18.92 1.99 32.23
N PRO B 363 -20.26 2.15 32.33
CA PRO B 363 -20.89 3.43 32.03
C PRO B 363 -20.24 4.62 32.75
N LYS B 364 -19.86 4.45 34.01
CA LYS B 364 -19.19 5.51 34.76
C LYS B 364 -17.88 5.97 34.12
N TYR B 365 -17.33 5.18 33.20
CA TYR B 365 -16.09 5.53 32.52
C TYR B 365 -16.28 5.62 30.99
N LYS B 366 -17.53 5.76 30.55
CA LYS B 366 -17.83 5.94 29.13
C LYS B 366 -16.98 7.07 28.55
N GLY B 367 -16.41 6.85 27.36
CA GLY B 367 -15.61 7.91 26.71
C GLY B 367 -14.19 8.12 27.21
N ARG B 368 -13.76 7.31 28.19
CA ARG B 368 -12.48 7.53 28.84
C ARG B 368 -11.36 6.67 28.28
N ALA B 369 -11.62 5.92 27.21
CA ALA B 369 -10.57 4.99 26.70
C ALA B 369 -9.26 5.72 26.37
N ARG B 370 -9.34 6.91 25.78
CA ARG B 370 -8.11 7.66 25.45
C ARG B 370 -7.35 8.03 26.71
N ASP B 371 -8.08 8.31 27.78
CA ASP B 371 -7.43 8.70 29.03
C ASP B 371 -6.69 7.54 29.69
N PHE B 372 -7.27 6.35 29.66
CA PHE B 372 -6.55 5.17 30.11
C PHE B 372 -5.35 4.88 29.23
N LEU B 373 -5.48 5.11 27.92
CA LEU B 373 -4.37 4.91 27.00
C LEU B 373 -3.20 5.85 27.31
N TYR B 374 -3.50 7.14 27.50
CA TYR B 374 -2.44 8.12 27.83
C TYR B 374 -1.84 7.85 29.21
N ALA B 375 -2.67 7.48 30.18
CA ALA B 375 -2.14 7.18 31.50
C ALA B 375 -1.25 5.95 31.42
N GLY B 376 -1.65 4.98 30.59
CA GLY B 376 -0.83 3.80 30.34
C GLY B 376 0.56 4.19 29.86
N ALA B 377 0.61 5.05 28.85
CA ALA B 377 1.88 5.52 28.29
C ALA B 377 2.73 6.22 29.35
N GLU B 378 2.10 7.07 30.18
CA GLU B 378 2.86 7.71 31.26
C GLU B 378 3.45 6.64 32.19
N ALA B 379 2.71 5.54 32.39
CA ALA B 379 3.15 4.47 33.26
C ALA B 379 4.12 3.47 32.57
N GLY B 380 4.41 3.70 31.28
CA GLY B 380 5.36 2.82 30.56
C GLY B 380 4.76 1.59 29.90
N VAL B 381 3.49 1.67 29.51
CA VAL B 381 2.82 0.60 28.80
C VAL B 381 1.97 1.16 27.65
N MET B 382 2.15 0.56 26.49
CA MET B 382 1.46 0.98 25.26
C MET B 382 0.25 0.09 25.03
N VAL B 383 -0.93 0.71 24.99
CA VAL B 383 -2.18 -0.03 24.76
C VAL B 383 -2.96 0.62 23.62
N LEU B 384 -4.12 0.06 23.30
CA LEU B 384 -4.96 0.58 22.22
C LEU B 384 -6.34 0.95 22.73
N ASN B 385 -7.13 1.57 21.86
CA ASN B 385 -8.56 1.75 22.08
C ASN B 385 -9.28 1.03 20.96
N ALA B 386 -10.60 0.89 21.09
CA ALA B 386 -11.43 0.33 20.04
C ALA B 386 -12.70 1.12 20.14
N GLY B 387 -12.59 2.40 19.82
CA GLY B 387 -13.66 3.36 20.13
C GLY B 387 -13.44 3.89 21.52
N ALA B 388 -14.16 4.97 21.86
CA ALA B 388 -13.92 5.70 23.10
C ALA B 388 -14.33 4.97 24.38
N ASP B 389 -14.99 3.81 24.25
CA ASP B 389 -15.47 3.07 25.43
C ASP B 389 -14.73 1.76 25.68
N VAL B 390 -13.77 1.43 24.82
CA VAL B 390 -13.17 0.10 24.86
C VAL B 390 -11.64 0.16 24.80
N MET B 391 -10.98 -0.48 25.78
CA MET B 391 -9.55 -0.70 25.76
C MET B 391 -9.27 -1.93 24.88
N ARG B 392 -8.15 -1.88 24.15
CA ARG B 392 -7.80 -2.96 23.24
C ARG B 392 -6.33 -3.31 23.44
N PHE B 393 -6.03 -4.59 23.34
CA PHE B 393 -4.65 -5.09 23.51
C PHE B 393 -4.39 -6.01 22.33
N ALA B 394 -3.24 -5.84 21.69
CA ALA B 394 -2.87 -6.71 20.57
C ALA B 394 -1.34 -6.88 20.58
N PRO B 395 -0.84 -7.53 21.65
CA PRO B 395 0.61 -7.70 21.83
C PRO B 395 1.19 -8.73 20.86
N SER B 396 2.51 -8.74 20.78
CA SER B 396 3.21 -9.83 20.12
C SER B 396 2.61 -11.16 20.53
N LEU B 397 2.43 -12.04 19.54
CA LEU B 397 1.96 -13.41 19.78
C LEU B 397 2.94 -14.25 20.60
N VAL B 398 4.18 -13.78 20.72
CA VAL B 398 5.18 -14.49 21.50
C VAL B 398 5.66 -13.64 22.69
N VAL B 399 4.86 -12.66 23.12
CA VAL B 399 5.20 -11.80 24.26
C VAL B 399 5.54 -12.68 25.46
N GLU B 400 6.68 -12.39 26.07
CA GLU B 400 7.19 -13.14 27.22
CA GLU B 400 7.14 -13.18 27.20
C GLU B 400 6.28 -12.96 28.43
N GLU B 401 6.10 -14.03 29.20
CA GLU B 401 5.33 -13.95 30.43
C GLU B 401 5.81 -12.79 31.33
N ALA B 402 7.12 -12.61 31.46
CA ALA B 402 7.65 -11.50 32.26
C ALA B 402 7.15 -10.13 31.78
N ASP B 403 7.03 -9.96 30.47
CA ASP B 403 6.52 -8.71 29.91
C ASP B 403 5.02 -8.55 30.16
N ILE B 404 4.25 -9.64 30.06
CA ILE B 404 2.84 -9.60 30.41
C ILE B 404 2.67 -9.10 31.83
N HIS B 405 3.41 -9.68 32.76
CA HIS B 405 3.21 -9.31 34.16
C HIS B 405 3.65 -7.89 34.42
N GLU B 406 4.81 -7.51 33.92
CA GLU B 406 5.33 -6.16 34.14
C GLU B 406 4.43 -5.09 33.48
N GLY B 407 4.05 -5.32 32.23
CA GLY B 407 3.18 -4.40 31.52
C GLY B 407 1.83 -4.26 32.17
N MET B 408 1.27 -5.37 32.66
CA MET B 408 -0.03 -5.28 33.30
C MET B 408 0.05 -4.62 34.68
N GLN B 409 1.19 -4.76 35.36
CA GLN B 409 1.42 -4.02 36.61
C GLN B 409 1.47 -2.52 36.32
N ARG B 410 2.15 -2.16 35.24
CA ARG B 410 2.16 -0.77 34.81
C ARG B 410 0.77 -0.28 34.46
N PHE B 411 -0.01 -1.11 33.77
CA PHE B 411 -1.36 -0.70 33.41
C PHE B 411 -2.23 -0.53 34.65
N ALA B 412 -2.07 -1.42 35.63
CA ALA B 412 -2.79 -1.26 36.92
C ALA B 412 -2.45 0.06 37.59
N GLN B 413 -1.18 0.43 37.56
CA GLN B 413 -0.74 1.70 38.11
C GLN B 413 -1.41 2.86 37.37
N ALA B 414 -1.47 2.77 36.05
CA ALA B 414 -2.17 3.80 35.25
C ALA B 414 -3.66 3.89 35.60
N VAL B 415 -4.31 2.74 35.74
CA VAL B 415 -5.72 2.72 36.11
C VAL B 415 -5.92 3.43 37.45
N GLY B 416 -5.03 3.14 38.41
CA GLY B 416 -5.07 3.78 39.72
C GLY B 416 -5.00 5.29 39.63
N LYS B 417 -4.19 5.81 38.71
CA LYS B 417 -4.08 7.26 38.51
C LYS B 417 -5.33 7.86 37.90
N VAL B 418 -5.98 7.11 37.02
CA VAL B 418 -7.16 7.61 36.32
C VAL B 418 -8.38 7.64 37.25
N VAL B 419 -8.49 6.67 38.14
CA VAL B 419 -9.72 6.52 38.94
C VAL B 419 -9.57 6.91 40.43
N ALA B 420 -8.33 7.14 40.88
CA ALA B 420 -8.01 7.53 42.28
C ALA B 420 -9.13 8.22 43.04
#